data_4A7Y
#
_entry.id   4A7Y
#
_cell.length_a   132.410
_cell.length_b   82.240
_cell.length_c   97.600
_cell.angle_alpha   90.00
_cell.angle_beta   90.00
_cell.angle_gamma   90.00
#
_symmetry.space_group_name_H-M   'P 21 21 2'
#
loop_
_entity.id
_entity.type
_entity.pdbx_description
1 polymer 'ALDOS-2-ULOSE DEHYDRATASE'
2 non-polymer 'ZINC ION'
3 non-polymer 'MAGNESIUM ION'
4 non-polymer 1,5-anhydro-D-fructose
5 water water
#
_entity_poly.entity_id   1
_entity_poly.type   'polypeptide(L)'
_entity_poly.pdbx_seq_one_letter_code
;MYSKVFLKPHCEPEQPAALPLFQPQLVQGGRPDGYWVEAFPFRSDSSKCPNIIGYGLGTYDMKSDIQMLVNPYATTNNQS
SSWTPVPLAKLDFPVAMHYADITKNGFNDVIITDQYGSSMDDIWAYGGRVSWLENPGELRDNWTMRTIGHSPGMHRLKAG
HFTRTDRVQVVAVPIVVASSDLTTPADVIIFTAPDDPRSEQLWQRDVVGTRHLVHEVAIVPAAETDGEMRFDQIILAGRD
GVDCLWYDGARWQRHLVGTGLPEERGDPYWGAGSAAVGRVGDDYAGYICSAEAFHGNTVSVYTKPAGSPTGIVRAEWTRH
VLDVFGPLNGKHTGSIHQVVCADIDGDGEDEFLVAMMGADPPDFQRTGVWCYKLVDRTNMKFSKTKVSSVSAGRIATANF
HSQGSEVDIATISYSVPGYFESPNPSINVFLSTGILAERLDEEVMLRVVRAGSTRFKTEMEFLDVAGKKLTLVVLPPFAR
LDVERNVSGVKVMAGTVCWADENGKHERVPATRPFGCESMIVSADYLESGEEGAILVLYKPSSTSGRPPFRSMDELVAHN
LFPAYVPDSVRAMKFPWVRCADRPWAHGRFKDLDFFNLIGFHVNFADDSAAVLAHVQLWTAGIGVSAGFHNHVEASFCEI
HACIANGTGRGGMRWATVPDANFNPDSPNLEDTELIVVPDMHEHGPLWRTRPDGHPLLRMNDTIDYPWHAWLAGAGNPSP
QAFDVWVAFEFPGFETFSTPPPPRVLEPGRYAIRFGDPHQTASLALQKNDATDGTPVLALLDLDGGPSPQAWNISHVPGT
DMYEIAHAKTGSLVCARWPPVKNQRVAGTHSPAAMGLTSRWAVTKNTKGQITFRLPEAPDHGPLFLSVSAIRHQQEADAI
PVIVQGDSIELSAWSLVPAN
;
_entity_poly.pdbx_strand_id   A
#
# COMPACT_ATOMS: atom_id res chain seq x y z
N GLN A 15 10.72 6.99 5.62
CA GLN A 15 10.93 5.64 4.99
C GLN A 15 10.38 5.60 3.57
N PRO A 16 11.24 5.28 2.57
CA PRO A 16 10.75 5.19 1.19
C PRO A 16 9.44 4.43 1.11
N ALA A 17 8.50 4.97 0.35
CA ALA A 17 7.20 4.34 0.14
C ALA A 17 7.30 3.12 -0.81
N ALA A 18 6.72 1.99 -0.40
CA ALA A 18 6.60 0.78 -1.23
C ALA A 18 5.43 0.88 -2.18
N LEU A 19 5.52 0.24 -3.35
CA LEU A 19 4.36 0.09 -4.19
C LEU A 19 3.32 -0.73 -3.46
N PRO A 20 2.05 -0.37 -3.62
CA PRO A 20 1.03 -1.21 -3.03
C PRO A 20 0.82 -2.44 -3.90
N LEU A 21 -0.07 -3.31 -3.47
CA LEU A 21 -0.51 -4.45 -4.28
C LEU A 21 -1.72 -4.12 -5.19
N PHE A 22 -2.02 -5.05 -6.10
CA PHE A 22 -3.01 -4.86 -7.15
C PHE A 22 -3.79 -6.11 -7.36
N GLN A 23 -5.06 -6.08 -6.95
CA GLN A 23 -5.98 -7.15 -7.27
C GLN A 23 -6.60 -6.78 -8.63
N PRO A 24 -6.35 -7.59 -9.67
CA PRO A 24 -6.93 -7.27 -10.97
C PRO A 24 -8.39 -7.71 -11.02
N GLN A 25 -9.16 -6.95 -11.78
CA GLN A 25 -10.49 -7.39 -12.02
C GLN A 25 -10.96 -6.98 -13.39
N LEU A 26 -11.64 -7.92 -14.06
CA LEU A 26 -12.12 -7.77 -15.43
C LEU A 26 -13.44 -7.02 -15.47
N VAL A 27 -13.35 -5.80 -16.01
CA VAL A 27 -14.47 -4.88 -16.04
C VAL A 27 -15.40 -5.19 -17.22
N GLN A 28 -14.80 -5.49 -18.38
CA GLN A 28 -15.53 -5.91 -19.58
C GLN A 28 -14.60 -6.70 -20.50
N GLY A 29 -15.09 -7.84 -20.98
CA GLY A 29 -14.30 -8.74 -21.81
C GLY A 29 -14.83 -8.98 -23.21
N GLY A 30 -14.01 -9.69 -24.00
CA GLY A 30 -14.31 -10.08 -25.39
C GLY A 30 -14.85 -8.99 -26.29
N ARG A 31 -14.57 -7.73 -25.93
CA ARG A 31 -14.94 -6.58 -26.74
C ARG A 31 -14.41 -6.73 -28.17
N PRO A 32 -15.17 -6.23 -29.16
CA PRO A 32 -14.77 -6.22 -30.56
C PRO A 32 -13.43 -5.52 -30.80
N ASP A 33 -13.23 -4.40 -30.11
CA ASP A 33 -12.11 -3.52 -30.33
C ASP A 33 -11.86 -2.74 -29.04
N GLY A 34 -10.96 -1.75 -29.10
CA GLY A 34 -10.74 -0.87 -27.96
C GLY A 34 -9.73 0.22 -28.19
N TYR A 35 -10.04 1.43 -27.74
CA TYR A 35 -9.18 2.61 -27.87
C TYR A 35 -9.09 3.42 -26.58
N TRP A 36 -10.26 3.73 -26.02
CA TRP A 36 -10.37 4.76 -24.99
C TRP A 36 -10.95 4.27 -23.72
N VAL A 37 -10.41 4.76 -22.61
CA VAL A 37 -10.96 4.49 -21.31
C VAL A 37 -10.79 5.73 -20.47
N GLU A 38 -11.77 6.00 -19.63
CA GLU A 38 -11.84 7.23 -18.84
C GLU A 38 -12.54 6.96 -17.52
N ALA A 39 -12.13 7.67 -16.47
CA ALA A 39 -12.86 7.58 -15.21
C ALA A 39 -13.97 8.64 -15.14
N PHE A 40 -15.21 8.19 -14.99
CA PHE A 40 -16.33 9.11 -15.07
C PHE A 40 -17.08 9.18 -13.75
N PRO A 41 -16.83 10.24 -12.94
CA PRO A 41 -17.62 10.55 -11.76
C PRO A 41 -19.02 10.96 -12.18
N PHE A 42 -20.03 10.19 -11.77
CA PHE A 42 -21.39 10.50 -12.21
C PHE A 42 -21.74 11.91 -11.76
N ARG A 43 -21.75 12.14 -10.45
CA ARG A 43 -21.92 13.50 -9.94
C ARG A 43 -20.61 14.25 -10.07
N SER A 44 -20.69 15.56 -10.26
CA SER A 44 -19.51 16.40 -10.42
C SER A 44 -19.04 17.00 -9.10
N ASP A 45 -19.84 16.81 -8.05
CA ASP A 45 -19.44 17.29 -6.71
C ASP A 45 -18.30 16.42 -6.14
N SER A 46 -18.57 15.11 -6.06
CA SER A 46 -17.67 14.11 -5.49
C SER A 46 -16.98 13.29 -6.58
N SER A 47 -15.81 12.76 -6.27
CA SER A 47 -15.05 11.95 -7.24
C SER A 47 -14.44 10.64 -6.66
N LYS A 48 -15.09 10.05 -5.67
CA LYS A 48 -14.71 8.70 -5.21
C LYS A 48 -15.63 7.68 -5.88
N CYS A 49 -15.07 6.50 -6.16
CA CYS A 49 -15.78 5.37 -6.79
C CYS A 49 -16.52 5.74 -8.07
N PRO A 50 -15.84 6.43 -8.98
CA PRO A 50 -16.42 6.83 -10.24
C PRO A 50 -16.76 5.64 -11.09
N ASN A 51 -17.46 5.86 -12.19
CA ASN A 51 -17.59 4.82 -13.18
C ASN A 51 -16.41 4.88 -14.12
N ILE A 52 -16.42 3.93 -15.06
CA ILE A 52 -15.54 3.89 -16.19
C ILE A 52 -16.39 4.04 -17.46
N ILE A 53 -15.95 4.90 -18.37
CA ILE A 53 -16.48 4.91 -19.73
C ILE A 53 -15.38 4.44 -20.66
N GLY A 54 -15.73 3.59 -21.61
CA GLY A 54 -14.77 3.06 -22.57
C GLY A 54 -15.38 2.68 -23.90
N TYR A 55 -14.56 2.61 -24.94
CA TYR A 55 -15.05 2.25 -26.28
C TYR A 55 -13.89 2.07 -27.23
N GLY A 56 -14.23 1.69 -28.46
CA GLY A 56 -13.28 1.65 -29.56
C GLY A 56 -13.63 2.61 -30.69
N LEU A 57 -12.76 2.69 -31.68
CA LEU A 57 -12.98 3.59 -32.83
C LEU A 57 -14.08 3.11 -33.79
N GLY A 58 -14.63 1.92 -33.57
CA GLY A 58 -15.63 1.38 -34.48
C GLY A 58 -15.11 1.11 -35.89
N THR A 59 -16.02 0.77 -36.79
CA THR A 59 -15.67 0.48 -38.17
C THR A 59 -16.74 1.01 -39.09
N TYR A 60 -16.55 0.78 -40.40
CA TYR A 60 -17.58 1.14 -41.36
C TYR A 60 -18.80 0.24 -41.22
N ASP A 61 -18.63 -0.99 -40.72
CA ASP A 61 -19.79 -1.89 -40.60
C ASP A 61 -20.61 -1.65 -39.36
N MET A 62 -19.92 -1.34 -38.27
CA MET A 62 -20.57 -1.25 -36.98
C MET A 62 -20.17 0.05 -36.26
N LYS A 63 -21.18 0.75 -35.76
CA LYS A 63 -21.02 1.91 -34.88
C LYS A 63 -20.43 1.45 -33.55
N SER A 64 -19.72 2.35 -32.88
CA SER A 64 -19.14 2.06 -31.57
C SER A 64 -20.04 2.47 -30.41
N ASP A 65 -20.31 1.52 -29.50
CA ASP A 65 -21.12 1.81 -28.33
C ASP A 65 -20.19 2.44 -27.34
N ILE A 66 -20.46 3.70 -26.99
CA ILE A 66 -19.76 4.35 -25.89
C ILE A 66 -20.41 3.82 -24.62
N GLN A 67 -19.85 2.74 -24.07
CA GLN A 67 -20.53 2.07 -22.96
C GLN A 67 -19.98 2.60 -21.63
N MET A 68 -20.87 3.13 -20.79
CA MET A 68 -20.52 3.54 -19.44
C MET A 68 -20.78 2.37 -18.52
N LEU A 69 -19.70 1.87 -17.93
CA LEU A 69 -19.77 0.74 -17.04
C LEU A 69 -19.94 1.20 -15.59
N VAL A 70 -21.03 0.76 -14.94
CA VAL A 70 -21.26 1.08 -13.52
C VAL A 70 -20.29 0.41 -12.57
N ASN A 71 -19.79 1.22 -11.64
CA ASN A 71 -18.90 0.80 -10.59
C ASN A 71 -19.75 0.14 -9.51
N PRO A 72 -19.54 -1.17 -9.29
CA PRO A 72 -20.35 -1.86 -8.30
C PRO A 72 -19.96 -1.47 -6.89
N TYR A 73 -18.69 -1.14 -6.68
CA TYR A 73 -18.19 -0.75 -5.36
C TYR A 73 -18.61 0.68 -5.05
N ALA A 74 -19.25 1.30 -6.04
CA ALA A 74 -19.72 2.67 -5.91
C ALA A 74 -20.67 2.79 -4.72
N THR A 75 -21.45 1.75 -4.51
CA THR A 75 -22.31 1.65 -3.33
C THR A 75 -21.66 0.71 -2.31
N THR A 76 -21.53 1.18 -1.07
CA THR A 76 -21.13 0.29 0.03
C THR A 76 -22.24 -0.78 0.26
N ASN A 77 -21.94 -1.78 1.11
CA ASN A 77 -22.75 -3.03 1.24
C ASN A 77 -22.79 -3.82 -0.06
N ASN A 78 -21.74 -3.63 -0.87
CA ASN A 78 -21.63 -4.24 -2.19
C ASN A 78 -21.53 -5.77 -2.17
N GLN A 79 -22.28 -6.41 -3.06
CA GLN A 79 -22.21 -7.85 -3.27
C GLN A 79 -21.78 -8.19 -4.71
N SER A 80 -21.68 -7.20 -5.58
CA SER A 80 -21.32 -7.50 -6.97
C SER A 80 -19.92 -7.08 -7.33
N SER A 81 -19.34 -7.84 -8.25
CA SER A 81 -18.05 -7.53 -8.86
C SER A 81 -18.24 -7.16 -10.32
N SER A 82 -19.43 -7.47 -10.82
CA SER A 82 -19.83 -7.24 -12.21
C SER A 82 -20.00 -5.76 -12.56
N TRP A 83 -19.46 -5.32 -13.69
CA TRP A 83 -19.66 -3.92 -14.11
C TRP A 83 -20.78 -3.77 -15.14
N THR A 84 -21.93 -3.26 -14.69
CA THR A 84 -23.10 -3.11 -15.57
C THR A 84 -22.91 -2.05 -16.66
N PRO A 85 -23.01 -2.48 -17.93
CA PRO A 85 -22.84 -1.65 -19.12
C PRO A 85 -24.08 -0.84 -19.47
N VAL A 86 -23.96 0.49 -19.44
CA VAL A 86 -25.03 1.37 -19.94
C VAL A 86 -24.57 2.01 -21.26
N PRO A 87 -25.31 1.74 -22.36
CA PRO A 87 -24.94 2.38 -23.63
C PRO A 87 -25.25 3.87 -23.64
N LEU A 88 -24.21 4.70 -23.48
CA LEU A 88 -24.39 6.15 -23.51
C LEU A 88 -24.78 6.72 -24.88
N ALA A 89 -24.17 6.18 -25.94
CA ALA A 89 -24.63 6.37 -27.33
C ALA A 89 -23.92 5.44 -28.35
N LYS A 90 -24.20 5.65 -29.64
CA LYS A 90 -23.75 4.79 -30.73
C LYS A 90 -23.20 5.64 -31.91
N LEU A 91 -21.88 5.76 -32.02
CA LEU A 91 -21.29 6.83 -32.85
C LEU A 91 -20.34 6.42 -33.96
N ASP A 92 -20.41 7.16 -35.06
CA ASP A 92 -19.51 6.99 -36.19
C ASP A 92 -18.10 7.44 -35.83
N PHE A 93 -17.18 6.47 -35.85
CA PHE A 93 -15.78 6.63 -35.42
C PHE A 93 -15.57 7.68 -34.35
N PRO A 94 -15.92 7.34 -33.08
CA PRO A 94 -15.56 8.25 -32.01
C PRO A 94 -14.05 8.13 -31.83
N VAL A 95 -13.41 9.13 -31.20
CA VAL A 95 -11.98 9.05 -30.90
C VAL A 95 -11.72 9.35 -29.43
N ALA A 96 -11.80 10.64 -29.07
CA ALA A 96 -11.44 11.13 -27.73
C ALA A 96 -12.66 11.59 -26.95
N MET A 97 -12.49 11.77 -25.64
CA MET A 97 -13.53 12.35 -24.78
C MET A 97 -12.98 12.93 -23.49
N HIS A 98 -13.85 13.67 -22.80
CA HIS A 98 -13.62 14.20 -21.47
C HIS A 98 -14.99 14.46 -20.87
N TYR A 99 -15.08 15.27 -19.81
CA TYR A 99 -16.37 15.56 -19.13
C TYR A 99 -16.25 16.82 -18.30
N ALA A 100 -17.40 17.42 -17.99
CA ALA A 100 -17.49 18.54 -17.09
C ALA A 100 -18.98 18.83 -16.89
N ASP A 101 -19.33 19.52 -15.80
CA ASP A 101 -20.73 19.85 -15.55
C ASP A 101 -21.13 21.07 -16.36
N ILE A 102 -21.60 20.78 -17.57
CA ILE A 102 -21.98 21.77 -18.54
C ILE A 102 -23.24 22.48 -18.06
N THR A 103 -24.19 21.71 -17.54
CA THR A 103 -25.47 22.27 -17.14
C THR A 103 -25.46 22.92 -15.76
N LYS A 104 -24.35 22.82 -15.05
CA LYS A 104 -24.22 23.42 -13.73
C LYS A 104 -25.34 22.89 -12.83
N ASN A 105 -25.49 21.57 -12.78
CA ASN A 105 -26.54 20.93 -11.96
C ASN A 105 -25.96 19.81 -11.11
N GLY A 106 -24.65 19.76 -11.06
CA GLY A 106 -23.96 18.82 -10.19
C GLY A 106 -23.83 17.42 -10.75
N PHE A 107 -24.33 17.18 -11.97
CA PHE A 107 -24.02 15.96 -12.71
C PHE A 107 -23.01 16.18 -13.83
N ASN A 108 -22.10 15.21 -13.99
CA ASN A 108 -21.13 15.32 -15.08
C ASN A 108 -21.77 15.01 -16.44
N ASP A 109 -21.46 15.86 -17.41
CA ASP A 109 -21.90 15.69 -18.77
C ASP A 109 -20.67 15.27 -19.57
N VAL A 110 -20.86 14.36 -20.54
CA VAL A 110 -19.77 13.93 -21.44
C VAL A 110 -19.61 14.81 -22.66
N ILE A 111 -18.38 15.19 -22.92
CA ILE A 111 -17.97 15.83 -24.17
C ILE A 111 -17.19 14.79 -24.99
N ILE A 112 -17.55 14.64 -26.27
CA ILE A 112 -16.95 13.60 -27.11
C ILE A 112 -16.78 14.05 -28.56
N THR A 113 -15.63 13.72 -29.16
CA THR A 113 -15.46 13.88 -30.62
C THR A 113 -15.73 12.58 -31.36
N ASP A 114 -16.29 12.71 -32.56
CA ASP A 114 -16.57 11.56 -33.38
C ASP A 114 -16.63 12.04 -34.81
N GLN A 115 -17.03 11.18 -35.75
CA GLN A 115 -16.87 11.46 -37.18
C GLN A 115 -15.41 11.81 -37.53
N TYR A 116 -14.45 11.03 -37.06
CA TYR A 116 -13.04 11.25 -37.42
C TYR A 116 -12.75 10.78 -38.85
N GLY A 117 -13.16 9.56 -39.14
CA GLY A 117 -12.69 8.81 -40.31
C GLY A 117 -12.23 7.47 -39.79
N SER A 118 -11.82 6.56 -40.66
CA SER A 118 -11.34 5.25 -40.20
C SER A 118 -9.85 5.26 -39.83
N SER A 119 -9.09 6.19 -40.40
CA SER A 119 -7.64 6.33 -40.18
C SER A 119 -7.17 7.71 -40.70
N MET A 120 -5.89 8.00 -40.52
CA MET A 120 -5.31 9.27 -40.92
C MET A 120 -5.20 9.39 -42.45
N ASP A 121 -5.51 8.30 -43.15
CA ASP A 121 -5.54 8.31 -44.61
C ASP A 121 -6.97 8.22 -45.07
N ASP A 122 -7.87 8.23 -44.10
CA ASP A 122 -9.29 8.27 -44.35
C ASP A 122 -9.90 9.29 -43.41
N ILE A 123 -9.49 10.54 -43.56
CA ILE A 123 -10.09 11.57 -42.74
C ILE A 123 -11.35 12.03 -43.42
N TRP A 124 -12.37 12.28 -42.63
CA TRP A 124 -13.67 12.78 -43.09
C TRP A 124 -13.62 14.28 -43.28
N ALA A 125 -13.89 14.76 -44.49
CA ALA A 125 -13.80 16.22 -44.80
C ALA A 125 -14.76 17.10 -43.98
N TYR A 126 -15.94 16.56 -43.69
CA TYR A 126 -17.02 17.27 -42.99
C TYR A 126 -17.16 16.72 -41.58
N GLY A 127 -16.11 16.04 -41.12
CA GLY A 127 -16.09 15.31 -39.86
C GLY A 127 -15.52 16.07 -38.66
N GLY A 128 -14.67 15.39 -37.89
CA GLY A 128 -14.19 15.90 -36.61
C GLY A 128 -15.23 16.61 -35.77
N ARG A 129 -16.36 15.95 -35.52
CA ARG A 129 -17.44 16.59 -34.81
C ARG A 129 -17.14 16.61 -33.33
N VAL A 130 -17.47 17.70 -32.66
CA VAL A 130 -17.38 17.77 -31.21
C VAL A 130 -18.76 18.01 -30.64
N SER A 131 -19.10 17.26 -29.60
CA SER A 131 -20.50 17.18 -29.18
C SER A 131 -20.53 16.90 -27.71
N TRP A 132 -21.66 17.17 -27.05
CA TRP A 132 -21.80 16.77 -25.64
C TRP A 132 -23.02 15.93 -25.38
N LEU A 133 -22.84 14.94 -24.51
CA LEU A 133 -23.91 14.05 -24.07
C LEU A 133 -24.43 14.48 -22.70
N GLU A 134 -25.70 14.88 -22.64
CA GLU A 134 -26.28 15.44 -21.43
C GLU A 134 -26.59 14.37 -20.39
N ASN A 135 -25.97 14.45 -19.21
CA ASN A 135 -26.29 13.55 -18.08
C ASN A 135 -27.66 13.86 -17.56
N PRO A 136 -28.58 12.87 -17.62
CA PRO A 136 -29.97 13.11 -17.26
C PRO A 136 -30.25 12.90 -15.78
N GLY A 137 -29.21 12.74 -14.98
CA GLY A 137 -29.34 12.57 -13.53
C GLY A 137 -29.68 11.16 -13.06
N GLU A 138 -29.95 10.27 -14.00
CA GLU A 138 -30.19 8.87 -13.66
C GLU A 138 -29.39 7.95 -14.58
N LEU A 139 -29.57 6.64 -14.41
CA LEU A 139 -28.84 5.61 -15.17
C LEU A 139 -29.71 4.98 -16.27
N ARG A 140 -30.43 5.81 -17.04
CA ARG A 140 -30.97 5.36 -18.34
C ARG A 140 -29.88 5.51 -19.42
N ASP A 141 -30.09 4.84 -20.54
CA ASP A 141 -29.16 4.89 -21.65
C ASP A 141 -29.50 6.05 -22.58
N ASN A 142 -28.70 6.21 -23.64
CA ASN A 142 -28.95 7.17 -24.71
C ASN A 142 -29.36 8.59 -24.32
N TRP A 143 -28.34 9.38 -24.01
CA TRP A 143 -28.48 10.74 -23.55
C TRP A 143 -28.57 11.62 -24.73
N THR A 144 -29.35 12.69 -24.59
CA THR A 144 -29.54 13.67 -25.65
C THR A 144 -28.19 14.23 -26.09
N MET A 145 -27.92 14.16 -27.38
CA MET A 145 -26.66 14.64 -27.95
C MET A 145 -26.83 16.03 -28.58
N ARG A 146 -25.81 16.88 -28.46
CA ARG A 146 -25.83 18.20 -29.11
C ARG A 146 -24.48 18.48 -29.74
N THR A 147 -24.46 19.31 -30.78
CA THR A 147 -23.23 19.65 -31.48
C THR A 147 -22.59 20.91 -30.94
N ILE A 148 -21.32 20.78 -30.55
CA ILE A 148 -20.54 21.93 -30.14
C ILE A 148 -19.89 22.55 -31.39
N GLY A 149 -19.27 21.74 -32.24
CA GLY A 149 -18.66 22.24 -33.46
C GLY A 149 -17.82 21.24 -34.21
N HIS A 150 -17.34 21.62 -35.38
CA HIS A 150 -16.63 20.72 -36.28
C HIS A 150 -15.27 21.26 -36.63
N SER A 151 -14.32 20.36 -36.85
CA SER A 151 -13.08 20.67 -37.53
C SER A 151 -12.39 19.38 -37.94
N PRO A 152 -12.20 19.17 -39.25
CA PRO A 152 -11.74 17.89 -39.84
C PRO A 152 -10.51 17.38 -39.13
N GLY A 153 -10.49 16.07 -38.81
CA GLY A 153 -9.31 15.44 -38.21
C GLY A 153 -9.30 15.48 -36.70
N MET A 154 -10.36 16.02 -36.13
CA MET A 154 -10.52 16.21 -34.69
C MET A 154 -10.14 15.00 -33.84
N HIS A 155 -9.11 15.15 -33.02
CA HIS A 155 -8.42 14.01 -32.40
C HIS A 155 -8.40 13.96 -30.88
N ARG A 156 -8.40 15.12 -30.24
CA ARG A 156 -8.27 15.22 -28.79
C ARG A 156 -8.94 16.46 -28.25
N LEU A 157 -9.37 16.38 -27.00
CA LEU A 157 -10.00 17.52 -26.36
C LEU A 157 -9.97 17.39 -24.87
N LYS A 158 -10.07 18.52 -24.18
CA LYS A 158 -10.27 18.55 -22.75
C LYS A 158 -11.21 19.67 -22.36
N ALA A 159 -11.87 19.48 -21.22
CA ALA A 159 -12.79 20.46 -20.71
C ALA A 159 -12.17 21.17 -19.51
N GLY A 160 -12.45 22.46 -19.34
CA GLY A 160 -11.98 23.22 -18.17
C GLY A 160 -12.40 24.69 -18.22
N HIS A 161 -11.64 25.56 -17.56
CA HIS A 161 -11.89 27.00 -17.58
C HIS A 161 -10.65 27.76 -18.01
N PHE A 162 -10.57 28.03 -19.32
CA PHE A 162 -9.32 28.52 -19.94
C PHE A 162 -9.23 30.01 -20.19
N THR A 163 -10.33 30.67 -20.54
CA THR A 163 -10.34 32.14 -20.63
C THR A 163 -11.40 32.76 -19.69
N ARG A 164 -12.17 31.88 -19.04
CA ARG A 164 -13.29 32.28 -18.19
C ARG A 164 -13.71 31.15 -17.23
N THR A 165 -14.13 31.52 -16.03
CA THR A 165 -14.39 30.52 -14.98
C THR A 165 -15.88 30.17 -14.85
N ASP A 166 -16.73 31.13 -15.20
CA ASP A 166 -18.17 31.03 -15.08
C ASP A 166 -18.82 30.23 -16.21
N ARG A 167 -18.01 29.53 -16.99
CA ARG A 167 -18.53 28.63 -18.03
C ARG A 167 -17.65 27.44 -18.32
N VAL A 168 -18.24 26.32 -18.76
CA VAL A 168 -17.43 25.22 -19.29
C VAL A 168 -16.83 25.63 -20.64
N GLN A 169 -15.51 25.47 -20.76
CA GLN A 169 -14.83 25.63 -22.06
C GLN A 169 -14.17 24.32 -22.48
N VAL A 170 -14.02 24.14 -23.78
CA VAL A 170 -13.44 22.91 -24.32
C VAL A 170 -12.30 23.27 -25.26
N VAL A 171 -11.13 22.66 -25.07
CA VAL A 171 -10.04 22.84 -26.04
C VAL A 171 -10.05 21.59 -26.88
N ALA A 172 -10.05 21.75 -28.20
CA ALA A 172 -10.09 20.61 -29.11
C ALA A 172 -9.06 20.75 -30.21
N VAL A 173 -8.43 19.65 -30.60
CA VAL A 173 -7.30 19.73 -31.55
C VAL A 173 -7.22 18.57 -32.55
N PRO A 174 -7.44 18.85 -33.85
CA PRO A 174 -7.19 17.81 -34.83
C PRO A 174 -5.71 17.43 -34.91
N ILE A 175 -5.46 16.17 -35.23
CA ILE A 175 -4.11 15.67 -35.42
C ILE A 175 -3.62 16.04 -36.82
N VAL A 176 -4.45 15.82 -37.84
CA VAL A 176 -4.22 16.26 -39.22
C VAL A 176 -5.50 17.01 -39.69
N VAL A 177 -5.51 17.61 -40.88
CA VAL A 177 -6.73 18.35 -41.35
C VAL A 177 -7.42 17.62 -42.49
N ALA A 178 -6.81 16.50 -42.89
CA ALA A 178 -7.14 15.82 -44.16
C ALA A 178 -6.17 14.67 -44.41
N SER A 179 -6.63 13.71 -45.20
CA SER A 179 -6.01 12.40 -45.41
C SER A 179 -4.52 12.37 -45.80
N SER A 180 -3.71 11.73 -44.95
CA SER A 180 -2.30 11.46 -45.25
C SER A 180 -1.49 12.75 -45.19
N ASP A 181 -2.19 13.87 -44.96
CA ASP A 181 -1.54 15.16 -44.86
C ASP A 181 -0.95 15.33 -43.47
N LEU A 182 0.35 15.08 -43.40
CA LEU A 182 1.07 15.01 -42.13
C LEU A 182 1.79 16.28 -41.83
N THR A 183 1.71 17.23 -42.76
CA THR A 183 2.57 18.41 -42.75
C THR A 183 1.79 19.70 -42.52
N THR A 184 0.52 19.73 -42.93
CA THR A 184 -0.33 20.87 -42.59
C THR A 184 -0.74 20.73 -41.13
N PRO A 185 -0.46 21.77 -40.32
CA PRO A 185 -0.77 21.83 -38.90
C PRO A 185 -2.24 22.19 -38.66
N ALA A 186 -2.72 21.97 -37.45
CA ALA A 186 -4.13 22.17 -37.13
C ALA A 186 -4.39 23.31 -36.13
N ASP A 187 -5.60 23.85 -36.21
CA ASP A 187 -6.04 24.86 -35.25
C ASP A 187 -6.15 24.29 -33.83
N VAL A 188 -5.56 24.98 -32.85
CA VAL A 188 -5.85 24.65 -31.46
C VAL A 188 -7.11 25.42 -31.13
N ILE A 189 -8.22 24.73 -30.92
CA ILE A 189 -9.53 25.40 -30.84
C ILE A 189 -10.07 25.45 -29.44
N ILE A 190 -10.63 26.61 -29.06
CA ILE A 190 -11.42 26.78 -27.79
C ILE A 190 -12.92 26.99 -28.00
N PHE A 191 -13.75 26.08 -27.48
CA PHE A 191 -15.22 26.21 -27.45
C PHE A 191 -15.80 26.74 -26.10
N THR A 192 -16.89 27.52 -26.15
CA THR A 192 -17.52 28.11 -24.94
C THR A 192 -19.01 27.79 -24.80
N ALA A 193 -19.41 27.30 -23.64
CA ALA A 193 -20.82 27.05 -23.37
C ALA A 193 -21.57 28.36 -23.50
N PRO A 194 -22.80 28.29 -24.01
CA PRO A 194 -23.65 29.48 -23.95
C PRO A 194 -24.19 29.59 -22.54
N ASP A 195 -24.97 30.62 -22.27
CA ASP A 195 -25.68 30.67 -21.01
C ASP A 195 -26.64 29.50 -20.88
N ASP A 196 -27.18 29.07 -22.02
CA ASP A 196 -28.14 27.99 -22.06
C ASP A 196 -27.75 26.91 -23.07
N PRO A 197 -26.82 26.04 -22.68
CA PRO A 197 -26.41 24.90 -23.50
C PRO A 197 -27.54 23.95 -23.93
N ARG A 198 -28.72 24.06 -23.30
CA ARG A 198 -29.81 23.16 -23.63
C ARG A 198 -30.59 23.57 -24.90
N SER A 199 -30.26 24.74 -25.44
CA SER A 199 -30.79 25.17 -26.71
C SER A 199 -29.83 24.78 -27.82
N GLU A 200 -30.33 23.97 -28.76
CA GLU A 200 -29.58 23.56 -29.97
C GLU A 200 -29.17 24.75 -30.86
N GLN A 201 -27.89 25.08 -30.77
CA GLN A 201 -27.26 26.23 -31.38
C GLN A 201 -25.76 25.97 -31.34
N LEU A 202 -25.00 26.79 -32.06
CA LEU A 202 -23.55 26.62 -32.11
C LEU A 202 -22.84 27.33 -30.97
N TRP A 203 -21.84 26.63 -30.42
CA TRP A 203 -20.95 27.18 -29.40
C TRP A 203 -19.96 28.14 -29.99
N GLN A 204 -19.71 29.22 -29.25
CA GLN A 204 -18.70 30.20 -29.58
C GLN A 204 -17.36 29.51 -29.65
N ARG A 205 -16.57 29.86 -30.67
CA ARG A 205 -15.22 29.28 -30.84
C ARG A 205 -14.14 30.32 -31.08
N ASP A 206 -12.92 29.97 -30.70
CA ASP A 206 -11.68 30.71 -30.97
C ASP A 206 -10.59 29.72 -31.33
N VAL A 207 -9.79 30.08 -32.31
CA VAL A 207 -8.53 29.40 -32.59
C VAL A 207 -7.44 30.11 -31.79
N VAL A 208 -6.68 29.38 -30.99
CA VAL A 208 -5.64 29.98 -30.15
C VAL A 208 -4.18 29.64 -30.54
N GLY A 209 -4.01 28.81 -31.56
CA GLY A 209 -2.70 28.64 -32.19
C GLY A 209 -2.82 27.53 -33.18
N THR A 210 -1.80 27.36 -34.01
CA THR A 210 -1.75 26.20 -34.91
C THR A 210 -0.58 25.30 -34.55
N ARG A 211 -0.79 24.01 -34.47
CA ARG A 211 0.32 23.11 -34.14
C ARG A 211 0.42 21.95 -35.11
N HIS A 212 1.57 21.26 -35.09
CA HIS A 212 1.75 20.11 -35.94
C HIS A 212 1.60 18.81 -35.21
N LEU A 213 0.70 17.96 -35.73
CA LEU A 213 0.44 16.60 -35.24
C LEU A 213 0.24 16.44 -33.72
N VAL A 214 -0.51 17.37 -33.11
CA VAL A 214 -0.81 17.24 -31.67
C VAL A 214 -1.44 15.88 -31.41
N HIS A 215 -0.89 15.11 -30.48
CA HIS A 215 -1.42 13.76 -30.23
C HIS A 215 -1.92 13.59 -28.84
N GLU A 216 -1.66 14.58 -27.98
CA GLU A 216 -2.24 14.57 -26.64
C GLU A 216 -2.58 15.99 -26.17
N VAL A 217 -3.67 16.14 -25.41
CA VAL A 217 -3.91 17.36 -24.65
C VAL A 217 -3.96 17.01 -23.18
N ALA A 218 -3.23 17.75 -22.36
CA ALA A 218 -3.26 17.59 -20.92
C ALA A 218 -3.55 18.95 -20.35
N ILE A 219 -4.15 18.95 -19.14
CA ILE A 219 -4.77 20.11 -18.53
C ILE A 219 -4.16 20.26 -17.15
N VAL A 220 -3.86 21.47 -16.74
CA VAL A 220 -3.46 21.65 -15.35
C VAL A 220 -4.43 22.63 -14.73
N PRO A 221 -5.39 22.12 -13.93
CA PRO A 221 -6.42 22.97 -13.31
C PRO A 221 -5.80 24.10 -12.51
N ALA A 222 -6.42 25.27 -12.63
CA ALA A 222 -6.11 26.42 -11.78
C ALA A 222 -5.95 26.07 -10.27
N ALA A 223 -6.78 25.18 -9.74
CA ALA A 223 -6.74 24.83 -8.31
C ALA A 223 -5.42 24.16 -7.85
N GLU A 224 -4.71 23.54 -8.79
CA GLU A 224 -3.52 22.80 -8.40
C GLU A 224 -2.29 23.66 -8.36
N THR A 225 -2.42 24.92 -8.75
CA THR A 225 -1.25 25.76 -8.96
C THR A 225 -1.02 26.62 -7.75
N ASP A 226 -1.82 26.39 -6.70
CA ASP A 226 -1.57 27.00 -5.40
C ASP A 226 -1.48 28.51 -5.61
N GLY A 227 -2.45 29.02 -6.39
CA GLY A 227 -2.59 30.46 -6.63
C GLY A 227 -1.84 31.06 -7.81
N GLU A 228 -0.85 30.34 -8.36
CA GLU A 228 -0.01 30.83 -9.48
C GLU A 228 -0.82 31.25 -10.69
N MET A 229 -1.82 30.44 -11.04
CA MET A 229 -2.61 30.61 -12.27
C MET A 229 -4.11 30.69 -11.95
N ARG A 230 -4.75 31.77 -12.38
CA ARG A 230 -6.19 31.81 -12.21
C ARG A 230 -6.95 30.95 -13.23
N PHE A 231 -6.28 30.53 -14.30
CA PHE A 231 -6.92 29.85 -15.40
C PHE A 231 -6.24 28.54 -15.64
N ASP A 232 -6.84 27.70 -16.48
CA ASP A 232 -6.29 26.34 -16.76
C ASP A 232 -5.18 26.33 -17.80
N GLN A 233 -4.17 25.49 -17.58
CA GLN A 233 -3.01 25.46 -18.45
C GLN A 233 -3.09 24.35 -19.46
N ILE A 234 -2.84 24.67 -20.72
CA ILE A 234 -2.89 23.65 -21.74
C ILE A 234 -1.50 23.10 -22.15
N ILE A 235 -1.32 21.80 -21.92
CA ILE A 235 -0.11 21.11 -22.36
C ILE A 235 -0.34 20.28 -23.62
N LEU A 236 0.46 20.58 -24.64
CA LEU A 236 0.30 19.95 -25.93
C LEU A 236 1.51 19.13 -26.31
N ALA A 237 1.28 17.86 -26.61
CA ALA A 237 2.34 16.99 -27.09
C ALA A 237 2.13 16.74 -28.58
N GLY A 238 3.07 17.22 -29.39
CA GLY A 238 2.94 17.20 -30.85
C GLY A 238 4.31 17.09 -31.50
N ARG A 239 4.34 17.33 -32.82
CA ARG A 239 5.57 17.30 -33.61
C ARG A 239 6.51 18.46 -33.24
N ASP A 240 5.92 19.61 -32.93
CA ASP A 240 6.62 20.78 -32.39
C ASP A 240 7.19 20.49 -31.00
N GLY A 241 6.70 19.40 -30.37
CA GLY A 241 7.21 18.95 -29.09
C GLY A 241 6.21 19.01 -27.94
N VAL A 242 6.70 19.37 -26.75
CA VAL A 242 5.80 19.49 -25.60
C VAL A 242 5.72 20.97 -25.25
N ASP A 243 4.49 21.47 -25.21
CA ASP A 243 4.25 22.88 -25.33
C ASP A 243 3.22 23.32 -24.30
N CYS A 244 3.41 24.50 -23.73
CA CYS A 244 2.43 24.99 -22.79
C CYS A 244 1.78 26.31 -23.19
N LEU A 245 0.45 26.30 -23.40
CA LEU A 245 -0.29 27.51 -23.69
C LEU A 245 -1.18 27.83 -22.52
N TRP A 246 -1.19 29.10 -22.08
CA TRP A 246 -2.12 29.57 -21.03
C TRP A 246 -2.62 30.94 -21.27
N TYR A 247 -3.77 31.25 -20.69
CA TYR A 247 -4.32 32.57 -20.79
C TYR A 247 -4.16 33.23 -19.43
N ASP A 248 -4.02 34.56 -19.39
CA ASP A 248 -3.86 35.33 -18.13
C ASP A 248 -4.98 36.35 -17.80
N GLY A 249 -5.99 36.45 -18.66
CA GLY A 249 -7.02 37.48 -18.52
C GLY A 249 -7.05 38.41 -19.72
N ALA A 250 -5.89 38.66 -20.32
CA ALA A 250 -5.76 39.57 -21.45
C ALA A 250 -5.23 38.89 -22.69
N ARG A 251 -4.28 37.96 -22.52
CA ARG A 251 -3.55 37.42 -23.69
C ARG A 251 -3.14 35.97 -23.52
N TRP A 252 -3.04 35.27 -24.65
CA TRP A 252 -2.37 33.96 -24.70
C TRP A 252 -0.87 34.10 -24.78
N GLN A 253 -0.17 33.22 -24.06
CA GLN A 253 1.27 33.08 -24.26
C GLN A 253 1.61 31.61 -24.22
N ARG A 254 2.83 31.32 -24.66
CA ARG A 254 3.29 29.98 -24.96
C ARG A 254 4.65 29.82 -24.31
N HIS A 255 4.88 28.62 -23.78
CA HIS A 255 6.14 28.28 -23.17
C HIS A 255 6.53 26.92 -23.65
N LEU A 256 7.64 26.88 -24.35
CA LEU A 256 8.13 25.66 -24.93
C LEU A 256 8.83 24.92 -23.83
N VAL A 257 8.39 23.69 -23.60
CA VAL A 257 9.01 22.80 -22.64
C VAL A 257 10.19 22.08 -23.35
N GLY A 258 9.95 21.68 -24.59
CA GLY A 258 11.02 21.07 -25.37
C GLY A 258 10.56 20.65 -26.73
N THR A 259 11.50 20.16 -27.51
CA THR A 259 11.21 19.79 -28.89
C THR A 259 10.97 18.27 -28.98
N GLY A 260 11.45 17.52 -28.01
CA GLY A 260 11.27 16.06 -28.04
C GLY A 260 12.16 15.38 -29.06
N LEU A 261 11.65 14.33 -29.68
CA LEU A 261 12.47 13.57 -30.62
C LEU A 261 12.96 14.46 -31.76
N PRO A 262 14.28 14.45 -32.00
CA PRO A 262 14.85 15.14 -33.17
C PRO A 262 14.41 14.39 -34.41
N GLU A 263 14.01 15.10 -35.47
CA GLU A 263 13.56 14.47 -36.73
C GLU A 263 14.63 13.59 -37.38
N GLU A 264 14.23 12.43 -37.91
CA GLU A 264 15.05 11.71 -38.91
C GLU A 264 14.42 11.72 -40.28
N ARG A 265 15.30 11.67 -41.30
CA ARG A 265 14.92 11.72 -42.73
C ARG A 265 14.02 10.54 -43.06
N GLY A 266 12.91 10.83 -43.73
CA GLY A 266 12.02 9.77 -44.18
C GLY A 266 10.97 9.40 -43.18
N ASP A 267 11.05 10.00 -42.00
CA ASP A 267 10.19 9.63 -40.90
C ASP A 267 9.29 10.77 -40.45
N PRO A 268 8.05 10.77 -40.91
CA PRO A 268 7.11 11.88 -40.68
C PRO A 268 6.89 12.21 -39.21
N TYR A 269 7.21 11.30 -38.30
CA TYR A 269 6.97 11.49 -36.86
C TYR A 269 8.22 11.90 -36.08
N TRP A 270 8.11 13.01 -35.36
CA TRP A 270 9.14 13.46 -34.43
C TRP A 270 8.47 14.32 -33.37
N GLY A 271 9.24 14.78 -32.40
CA GLY A 271 8.62 15.50 -31.29
C GLY A 271 8.03 14.53 -30.29
N ALA A 272 6.74 14.67 -30.02
CA ALA A 272 6.09 13.88 -28.98
C ALA A 272 4.66 13.41 -29.32
N GLY A 273 4.23 12.31 -28.67
CA GLY A 273 2.89 11.71 -28.84
C GLY A 273 2.06 11.85 -27.57
N SER A 274 2.75 11.96 -26.44
CA SER A 274 2.07 12.14 -25.18
C SER A 274 2.97 12.88 -24.22
N ALA A 275 2.35 13.56 -23.27
CA ALA A 275 3.08 14.26 -22.23
C ALA A 275 2.15 14.46 -21.01
N ALA A 276 2.73 14.37 -19.80
CA ALA A 276 2.00 14.51 -18.57
C ALA A 276 2.83 15.32 -17.57
N VAL A 277 2.17 16.02 -16.65
CA VAL A 277 2.84 16.81 -15.63
C VAL A 277 2.85 16.13 -14.24
N GLY A 278 4.05 15.85 -13.74
CA GLY A 278 4.20 15.18 -12.46
C GLY A 278 4.28 16.13 -11.28
N ARG A 279 3.47 15.86 -10.25
CA ARG A 279 3.60 16.54 -8.97
C ARG A 279 4.82 15.99 -8.27
N VAL A 280 5.61 16.87 -7.68
CA VAL A 280 6.65 16.51 -6.70
C VAL A 280 6.55 17.42 -5.45
N GLY A 281 6.10 16.85 -4.33
CA GLY A 281 5.93 17.58 -3.08
C GLY A 281 4.96 18.74 -3.15
N ASP A 282 5.43 19.93 -2.78
CA ASP A 282 4.70 21.18 -2.94
C ASP A 282 4.62 21.70 -4.37
N ASP A 283 5.34 21.06 -5.30
CA ASP A 283 5.36 21.54 -6.67
C ASP A 283 4.50 20.63 -7.56
N TYR A 284 3.54 21.21 -8.26
CA TYR A 284 2.68 20.43 -9.13
C TYR A 284 3.38 20.12 -10.43
N ALA A 285 4.46 20.86 -10.72
CA ALA A 285 5.30 20.56 -11.87
C ALA A 285 6.74 20.32 -11.43
N GLY A 286 6.91 19.24 -10.66
CA GLY A 286 8.23 18.75 -10.37
C GLY A 286 8.94 18.28 -11.63
N TYR A 287 8.15 17.84 -12.61
CA TYR A 287 8.65 17.23 -13.85
C TYR A 287 7.56 17.02 -14.86
N ILE A 288 7.93 17.11 -16.13
CA ILE A 288 7.05 16.70 -17.22
C ILE A 288 7.62 15.45 -17.89
N CYS A 289 6.80 14.41 -17.96
CA CYS A 289 7.19 13.16 -18.60
C CYS A 289 6.54 13.10 -19.97
N SER A 290 7.10 12.27 -20.85
CA SER A 290 6.79 12.35 -22.27
C SER A 290 7.01 11.04 -22.98
N ALA A 291 6.26 10.81 -24.05
CA ALA A 291 6.44 9.63 -24.91
C ALA A 291 6.59 10.04 -26.37
N GLU A 292 7.63 9.55 -27.04
CA GLU A 292 8.04 10.08 -28.34
C GLU A 292 8.29 9.02 -29.40
N ALA A 293 7.99 9.32 -30.66
CA ALA A 293 7.13 10.45 -31.04
C ALA A 293 5.67 9.99 -30.99
N PHE A 294 4.83 10.48 -31.88
CA PHE A 294 3.52 9.85 -32.13
C PHE A 294 3.69 8.32 -32.21
N HIS A 295 3.04 7.63 -31.26
CA HIS A 295 3.05 6.16 -31.21
C HIS A 295 4.44 5.61 -31.24
N GLY A 296 5.32 6.25 -30.48
CA GLY A 296 6.73 5.89 -30.51
C GLY A 296 7.15 4.99 -29.37
N ASN A 297 8.44 4.68 -29.35
CA ASN A 297 8.98 3.75 -28.39
C ASN A 297 9.92 4.37 -27.36
N THR A 298 9.93 5.70 -27.28
CA THR A 298 10.92 6.47 -26.51
C THR A 298 10.29 7.14 -25.31
N VAL A 299 10.87 6.89 -24.13
CA VAL A 299 10.38 7.54 -22.92
C VAL A 299 11.42 8.53 -22.43
N SER A 300 10.97 9.74 -22.16
CA SER A 300 11.86 10.75 -21.61
C SER A 300 11.20 11.67 -20.59
N VAL A 301 12.04 12.41 -19.85
CA VAL A 301 11.55 13.35 -18.88
C VAL A 301 12.24 14.73 -18.91
N TYR A 302 11.42 15.78 -18.85
CA TYR A 302 11.98 17.12 -18.77
C TYR A 302 12.09 17.46 -17.31
N THR A 303 13.26 17.99 -16.96
CA THR A 303 13.58 18.41 -15.60
C THR A 303 13.97 19.86 -15.68
N LYS A 304 13.87 20.54 -14.54
CA LYS A 304 14.30 21.91 -14.33
C LYS A 304 15.35 21.94 -13.19
N PRO A 305 16.23 22.98 -13.16
CA PRO A 305 17.31 23.07 -12.13
C PRO A 305 16.77 23.14 -10.70
N ALA A 306 17.49 22.53 -9.74
CA ALA A 306 17.08 22.56 -8.34
C ALA A 306 16.85 24.00 -7.91
N GLY A 307 15.91 24.23 -7.00
CA GLY A 307 15.54 25.59 -6.61
C GLY A 307 14.81 26.42 -7.67
N SER A 308 14.16 25.78 -8.65
CA SER A 308 13.38 26.51 -9.66
C SER A 308 12.05 26.99 -9.07
N PRO A 309 11.40 27.98 -9.70
CA PRO A 309 10.06 28.27 -9.25
C PRO A 309 9.11 27.10 -9.49
N THR A 310 8.01 27.08 -8.74
CA THR A 310 6.98 26.06 -8.90
C THR A 310 6.32 26.21 -10.28
N GLY A 311 5.75 25.14 -10.81
CA GLY A 311 4.97 25.26 -12.02
C GLY A 311 5.82 25.18 -13.26
N ILE A 312 5.20 25.41 -14.43
CA ILE A 312 5.81 25.10 -15.73
C ILE A 312 6.47 26.29 -16.33
N VAL A 313 5.75 27.43 -16.44
CA VAL A 313 6.25 28.54 -17.27
C VAL A 313 7.35 29.40 -16.72
N ARG A 314 7.66 29.28 -15.43
CA ARG A 314 8.70 30.15 -14.87
C ARG A 314 10.08 29.50 -14.89
N ALA A 315 10.19 28.34 -15.55
CA ALA A 315 11.44 27.57 -15.55
C ALA A 315 11.88 27.13 -16.95
N GLU A 316 13.17 26.92 -17.12
CA GLU A 316 13.66 26.35 -18.36
C GLU A 316 13.88 24.83 -18.23
N TRP A 317 13.27 24.10 -19.18
CA TRP A 317 13.19 22.63 -19.17
C TRP A 317 14.12 21.96 -20.15
N THR A 318 14.74 20.89 -19.66
CA THR A 318 15.77 20.12 -20.34
C THR A 318 15.28 18.69 -20.41
N ARG A 319 15.54 18.04 -21.55
CA ARG A 319 15.01 16.72 -21.84
C ARG A 319 16.06 15.64 -21.65
N HIS A 320 15.74 14.62 -20.85
CA HIS A 320 16.62 13.45 -20.76
C HIS A 320 15.87 12.21 -21.17
N VAL A 321 16.45 11.40 -22.06
CA VAL A 321 15.87 10.09 -22.48
C VAL A 321 16.10 9.02 -21.41
N LEU A 322 15.06 8.26 -21.07
CA LEU A 322 15.18 7.16 -20.09
C LEU A 322 15.24 5.74 -20.72
N ASP A 323 14.43 5.50 -21.74
CA ASP A 323 14.34 4.18 -22.37
C ASP A 323 13.96 4.29 -23.81
N VAL A 324 14.55 3.43 -24.63
CA VAL A 324 14.00 3.25 -25.93
C VAL A 324 13.73 1.79 -26.01
N PHE A 325 12.45 1.46 -26.10
CA PHE A 325 11.96 0.08 -26.04
C PHE A 325 12.12 -0.80 -27.29
N GLY A 326 12.97 -0.38 -28.23
CA GLY A 326 13.24 -1.14 -29.46
C GLY A 326 12.72 -0.44 -30.72
N PRO A 327 13.15 -0.94 -31.92
CA PRO A 327 13.00 -0.23 -33.20
C PRO A 327 11.56 0.07 -33.65
N LEU A 328 11.42 0.75 -34.79
CA LEU A 328 10.12 1.04 -35.36
C LEU A 328 9.87 0.19 -36.61
N ASN A 329 8.60 -0.01 -36.95
CA ASN A 329 8.26 -0.72 -38.18
C ASN A 329 8.23 0.23 -39.39
N GLY A 330 7.89 -0.32 -40.56
CA GLY A 330 8.00 0.38 -41.84
C GLY A 330 7.15 1.62 -41.97
N LYS A 331 6.10 1.71 -41.16
CA LYS A 331 5.16 2.84 -41.12
C LYS A 331 5.53 3.79 -39.99
N HIS A 332 6.71 3.55 -39.44
CA HIS A 332 7.39 4.39 -38.45
C HIS A 332 6.61 4.55 -37.19
N THR A 333 6.06 3.43 -36.71
CA THR A 333 5.40 3.44 -35.43
C THR A 333 6.02 2.44 -34.46
N GLY A 334 5.50 2.46 -33.24
CA GLY A 334 6.06 1.72 -32.11
C GLY A 334 4.92 1.37 -31.17
N SER A 335 5.20 1.32 -29.87
CA SER A 335 4.20 0.74 -28.96
C SER A 335 3.58 1.65 -27.90
N ILE A 336 4.12 2.86 -27.71
CA ILE A 336 3.66 3.70 -26.62
C ILE A 336 2.55 4.64 -27.06
N HIS A 337 1.37 4.48 -26.45
CA HIS A 337 0.26 5.35 -26.78
C HIS A 337 0.00 6.50 -25.86
N GLN A 338 0.29 6.34 -24.58
CA GLN A 338 -0.02 7.38 -23.60
C GLN A 338 0.96 7.37 -22.42
N VAL A 339 1.19 8.57 -21.85
CA VAL A 339 1.76 8.68 -20.50
C VAL A 339 0.86 9.53 -19.64
N VAL A 340 0.75 9.12 -18.37
CA VAL A 340 -0.10 9.80 -17.35
C VAL A 340 0.65 9.89 -16.02
N CYS A 341 0.21 10.81 -15.17
CA CYS A 341 0.81 10.92 -13.84
C CYS A 341 -0.20 10.67 -12.72
N ALA A 342 0.28 10.03 -11.65
CA ALA A 342 -0.53 9.62 -10.50
C ALA A 342 0.32 9.20 -9.31
N ASP A 343 -0.09 9.63 -8.13
CA ASP A 343 0.58 9.18 -6.93
C ASP A 343 0.15 7.74 -6.59
N ILE A 344 0.79 6.78 -7.26
CA ILE A 344 0.49 5.36 -7.10
C ILE A 344 0.77 4.85 -5.69
N ASP A 345 1.91 5.27 -5.12
CA ASP A 345 2.37 4.73 -3.83
C ASP A 345 2.06 5.67 -2.69
N GLY A 346 1.50 6.82 -3.04
CA GLY A 346 0.82 7.67 -2.06
C GLY A 346 1.74 8.40 -1.13
N ASP A 347 2.87 8.82 -1.67
CA ASP A 347 3.89 9.45 -0.85
C ASP A 347 3.98 10.93 -1.08
N GLY A 348 3.10 11.48 -1.94
CA GLY A 348 3.11 12.91 -2.25
C GLY A 348 3.88 13.27 -3.51
N GLU A 349 4.55 12.28 -4.10
CA GLU A 349 5.19 12.41 -5.40
C GLU A 349 4.48 11.47 -6.36
N ASP A 350 4.21 12.03 -7.54
CA ASP A 350 3.59 11.38 -8.68
C ASP A 350 4.51 10.43 -9.43
N GLU A 351 4.09 9.18 -9.55
CA GLU A 351 4.75 8.27 -10.46
C GLU A 351 4.15 8.55 -11.82
N PHE A 352 4.77 8.06 -12.87
CA PHE A 352 4.08 8.11 -14.17
C PHE A 352 3.95 6.73 -14.80
N LEU A 353 2.85 6.51 -15.52
CA LEU A 353 2.55 5.20 -16.12
C LEU A 353 2.58 5.27 -17.64
N VAL A 354 3.14 4.24 -18.27
CA VAL A 354 3.26 4.22 -19.72
C VAL A 354 2.37 3.12 -20.20
N ALA A 355 1.45 3.47 -21.10
CA ALA A 355 0.49 2.55 -21.72
C ALA A 355 1.11 1.94 -22.98
N MET A 356 1.37 0.63 -22.90
CA MET A 356 2.03 -0.16 -23.94
C MET A 356 0.99 -0.87 -24.76
N MET A 357 0.99 -0.62 -26.06
CA MET A 357 -0.04 -1.16 -26.95
C MET A 357 0.17 -2.63 -27.27
N GLY A 358 1.41 -3.08 -27.17
CA GLY A 358 1.78 -4.42 -27.59
C GLY A 358 2.50 -4.17 -28.90
N ALA A 359 3.18 -5.20 -29.41
CA ALA A 359 4.10 -5.04 -30.52
C ALA A 359 4.11 -6.28 -31.41
N ASP A 360 4.97 -6.26 -32.43
CA ASP A 360 4.87 -7.23 -33.52
C ASP A 360 6.21 -7.62 -34.14
N PRO A 361 6.56 -8.91 -34.05
CA PRO A 361 5.89 -9.93 -33.27
C PRO A 361 5.60 -9.50 -31.81
N PRO A 362 4.75 -10.27 -31.06
CA PRO A 362 4.47 -10.08 -29.63
C PRO A 362 5.73 -9.93 -28.78
N ASP A 363 5.63 -9.13 -27.71
CA ASP A 363 6.75 -8.83 -26.78
C ASP A 363 6.25 -8.14 -25.48
N PHE A 364 6.31 -8.84 -24.37
CA PHE A 364 5.86 -8.29 -23.09
C PHE A 364 6.58 -6.99 -22.70
N GLN A 365 7.81 -6.79 -23.15
CA GLN A 365 8.47 -5.54 -22.74
C GLN A 365 7.66 -4.35 -23.18
N ARG A 366 7.00 -4.52 -24.34
CA ARG A 366 6.18 -3.47 -24.93
C ARG A 366 4.66 -3.68 -24.73
N THR A 367 4.26 -4.58 -23.84
CA THR A 367 2.83 -4.80 -23.61
C THR A 367 2.46 -4.58 -22.15
N GLY A 368 1.56 -3.62 -21.91
CA GLY A 368 1.04 -3.36 -20.57
C GLY A 368 1.26 -1.95 -20.06
N VAL A 369 1.51 -1.84 -18.76
CA VAL A 369 1.83 -0.56 -18.11
C VAL A 369 3.18 -0.67 -17.42
N TRP A 370 4.04 0.31 -17.63
CA TRP A 370 5.24 0.44 -16.85
C TRP A 370 5.01 1.54 -15.87
N CYS A 371 5.42 1.34 -14.64
CA CYS A 371 5.21 2.37 -13.66
C CYS A 371 6.59 2.89 -13.25
N TYR A 372 6.85 4.16 -13.56
CA TYR A 372 8.12 4.78 -13.21
C TYR A 372 8.01 5.51 -11.87
N LYS A 373 9.01 5.34 -11.02
CA LYS A 373 9.03 5.97 -9.70
C LYS A 373 10.24 6.88 -9.64
N LEU A 374 10.00 8.10 -9.17
CA LEU A 374 11.07 9.06 -9.03
C LEU A 374 11.81 8.63 -7.79
N VAL A 375 12.97 7.99 -7.99
CA VAL A 375 13.75 7.46 -6.85
C VAL A 375 14.64 8.48 -6.11
N ASP A 376 15.18 9.44 -6.85
CA ASP A 376 16.09 10.45 -6.30
C ASP A 376 15.66 11.85 -6.77
N ARG A 377 15.09 12.61 -5.83
CA ARG A 377 14.54 13.94 -6.13
C ARG A 377 15.57 14.93 -6.60
N THR A 378 16.76 14.90 -5.99
CA THR A 378 17.87 15.80 -6.32
C THR A 378 18.28 15.62 -7.77
N ASN A 379 18.70 14.40 -8.10
CA ASN A 379 19.18 14.07 -9.46
C ASN A 379 18.10 13.73 -10.48
N MET A 380 16.84 13.66 -10.05
CA MET A 380 15.73 13.23 -10.92
C MET A 380 15.98 11.88 -11.59
N LYS A 381 16.37 10.89 -10.80
CA LYS A 381 16.51 9.53 -11.28
C LYS A 381 15.22 8.78 -11.05
N PHE A 382 14.89 7.91 -12.00
CA PHE A 382 13.68 7.12 -11.96
C PHE A 382 14.04 5.65 -12.08
N SER A 383 13.13 4.78 -11.60
CA SER A 383 13.19 3.37 -11.97
C SER A 383 11.78 2.93 -12.30
N LYS A 384 11.67 1.97 -13.22
CA LYS A 384 10.39 1.46 -13.72
C LYS A 384 10.09 0.06 -13.16
N THR A 385 8.82 -0.15 -12.78
CA THR A 385 8.34 -1.49 -12.46
C THR A 385 7.20 -1.83 -13.39
N LYS A 386 6.96 -3.12 -13.57
CA LYS A 386 5.88 -3.56 -14.41
C LYS A 386 4.64 -3.84 -13.56
N VAL A 387 3.51 -3.30 -13.99
CA VAL A 387 2.33 -3.37 -13.19
C VAL A 387 1.36 -4.34 -13.82
N SER A 388 1.34 -4.36 -15.13
CA SER A 388 0.43 -5.17 -15.93
C SER A 388 1.06 -5.46 -17.30
N SER A 389 0.73 -6.62 -17.84
CA SER A 389 1.39 -7.11 -19.03
C SER A 389 0.40 -7.53 -20.10
N VAL A 390 -0.80 -6.94 -20.03
CA VAL A 390 -1.83 -7.08 -21.07
C VAL A 390 -2.16 -5.72 -21.63
N SER A 391 -2.10 -5.64 -22.96
CA SER A 391 -2.16 -4.40 -23.75
C SER A 391 -2.98 -3.30 -23.09
N ALA A 392 -2.34 -2.12 -23.02
CA ALA A 392 -2.91 -0.84 -22.59
C ALA A 392 -2.90 0.17 -23.74
N GLY A 393 -4.05 0.34 -24.37
CA GLY A 393 -4.22 1.44 -25.31
C GLY A 393 -4.42 2.77 -24.61
N ARG A 394 -5.09 2.74 -23.46
CA ARG A 394 -5.27 3.96 -22.67
C ARG A 394 -5.28 3.59 -21.20
N ILE A 395 -4.89 4.54 -20.35
CA ILE A 395 -4.92 4.35 -18.93
C ILE A 395 -5.82 5.39 -18.32
N ALA A 396 -6.58 4.98 -17.31
CA ALA A 396 -7.29 5.90 -16.42
C ALA A 396 -7.02 5.52 -14.96
N THR A 397 -6.76 6.53 -14.13
CA THR A 397 -6.52 6.33 -12.69
C THR A 397 -7.61 7.02 -11.82
N ALA A 398 -7.90 6.44 -10.66
CA ALA A 398 -8.91 6.99 -9.73
C ALA A 398 -9.06 5.97 -8.61
N ASN A 399 -9.49 6.39 -7.42
CA ASN A 399 -9.86 5.37 -6.44
C ASN A 399 -11.16 4.73 -6.90
N PHE A 400 -11.06 3.48 -7.33
CA PHE A 400 -12.25 2.79 -7.87
C PHE A 400 -12.96 1.87 -6.87
N HIS A 401 -12.52 1.85 -5.61
CA HIS A 401 -13.17 0.91 -4.68
C HIS A 401 -13.32 1.35 -3.27
N SER A 402 -12.69 2.45 -2.88
CA SER A 402 -12.88 2.93 -1.50
C SER A 402 -12.97 4.45 -1.37
N GLN A 403 -12.93 4.91 -0.13
CA GLN A 403 -13.05 6.32 0.10
C GLN A 403 -11.68 7.00 0.31
N GLY A 404 -10.66 6.20 0.65
CA GLY A 404 -9.29 6.68 0.90
C GLY A 404 -8.62 7.17 -0.37
N SER A 405 -7.31 7.42 -0.30
CA SER A 405 -6.66 8.05 -1.45
C SER A 405 -5.68 7.13 -2.19
N GLU A 406 -6.02 5.86 -2.22
CA GLU A 406 -5.30 4.94 -3.08
C GLU A 406 -5.66 5.29 -4.53
N VAL A 407 -4.76 4.96 -5.45
CA VAL A 407 -5.01 5.19 -6.86
C VAL A 407 -5.07 3.82 -7.56
N ASP A 408 -6.21 3.45 -8.13
CA ASP A 408 -6.34 2.22 -8.90
C ASP A 408 -5.99 2.51 -10.35
N ILE A 409 -5.74 1.47 -11.15
CA ILE A 409 -5.40 1.65 -12.55
C ILE A 409 -6.38 0.90 -13.45
N ALA A 410 -7.16 1.60 -14.26
CA ALA A 410 -7.94 0.93 -15.30
C ALA A 410 -7.25 1.01 -16.67
N THR A 411 -7.30 -0.08 -17.44
CA THR A 411 -6.85 -0.04 -18.84
C THR A 411 -7.87 -0.63 -19.82
N ILE A 412 -7.81 -0.15 -21.05
CA ILE A 412 -8.53 -0.77 -22.15
C ILE A 412 -7.50 -1.28 -23.14
N SER A 413 -7.73 -2.44 -23.74
CA SER A 413 -6.77 -3.01 -24.67
C SER A 413 -6.72 -2.16 -25.94
N TYR A 414 -5.54 -2.01 -26.53
CA TYR A 414 -5.46 -1.30 -27.77
C TYR A 414 -5.74 -2.28 -28.90
N SER A 415 -6.91 -2.14 -29.51
CA SER A 415 -7.27 -2.98 -30.64
C SER A 415 -8.00 -2.21 -31.70
N VAL A 416 -7.37 -2.17 -32.87
CA VAL A 416 -7.91 -1.58 -34.07
C VAL A 416 -7.69 -2.58 -35.21
N PRO A 417 -8.79 -3.12 -35.79
CA PRO A 417 -8.63 -4.01 -36.95
C PRO A 417 -8.04 -3.27 -38.17
N GLY A 418 -7.29 -4.00 -39.00
CA GLY A 418 -6.58 -3.41 -40.15
C GLY A 418 -5.41 -2.49 -39.81
N TYR A 419 -4.94 -2.55 -38.56
CA TYR A 419 -3.76 -1.81 -38.10
C TYR A 419 -3.05 -2.66 -37.01
N PHE A 420 -3.55 -2.62 -35.76
CA PHE A 420 -3.02 -3.49 -34.70
C PHE A 420 -4.09 -4.06 -33.77
N GLU A 421 -4.18 -5.39 -33.71
CA GLU A 421 -5.18 -6.08 -32.89
C GLU A 421 -4.56 -6.96 -31.81
N SER A 422 -4.90 -6.69 -30.54
CA SER A 422 -4.50 -7.58 -29.45
C SER A 422 -5.63 -8.59 -29.17
N PRO A 423 -5.30 -9.72 -28.55
CA PRO A 423 -6.35 -10.73 -28.39
C PRO A 423 -7.22 -10.49 -27.15
N ASN A 424 -8.52 -10.76 -27.24
CA ASN A 424 -9.46 -10.55 -26.13
C ASN A 424 -9.54 -9.08 -25.70
N PRO A 425 -9.58 -8.17 -26.70
CA PRO A 425 -9.70 -6.75 -26.36
C PRO A 425 -10.66 -6.56 -25.19
N SER A 426 -10.15 -6.05 -24.07
CA SER A 426 -11.01 -5.85 -22.91
C SER A 426 -10.63 -4.65 -22.04
N ILE A 427 -11.44 -4.43 -21.01
CA ILE A 427 -11.16 -3.45 -19.98
C ILE A 427 -10.96 -4.16 -18.64
N ASN A 428 -9.84 -3.91 -17.98
CA ASN A 428 -9.65 -4.41 -16.62
C ASN A 428 -9.18 -3.24 -15.80
N VAL A 429 -9.36 -3.35 -14.49
CA VAL A 429 -8.91 -2.35 -13.54
C VAL A 429 -8.01 -3.09 -12.57
N PHE A 430 -7.01 -2.39 -12.03
CA PHE A 430 -6.11 -2.96 -11.04
C PHE A 430 -6.24 -2.23 -9.72
N LEU A 431 -6.79 -2.94 -8.74
CA LEU A 431 -7.23 -2.31 -7.51
C LEU A 431 -6.14 -2.26 -6.47
N SER A 432 -5.75 -1.03 -6.10
CA SER A 432 -4.77 -0.80 -5.05
C SER A 432 -5.26 -1.40 -3.75
N THR A 433 -4.36 -2.12 -3.09
CA THR A 433 -4.67 -2.77 -1.86
C THR A 433 -3.38 -3.23 -1.18
N GLY A 434 -3.40 -3.35 0.14
CA GLY A 434 -2.23 -3.80 0.85
C GLY A 434 -2.40 -5.22 1.32
N ILE A 435 -3.58 -5.80 1.04
CA ILE A 435 -3.91 -7.22 1.36
C ILE A 435 -4.45 -7.90 0.11
N LEU A 436 -4.03 -9.15 -0.12
CA LEU A 436 -4.54 -9.98 -1.25
C LEU A 436 -4.98 -11.31 -0.72
N ALA A 437 -6.04 -11.86 -1.32
CA ALA A 437 -6.67 -13.10 -0.83
C ALA A 437 -6.75 -14.18 -1.90
N GLU A 438 -6.15 -15.31 -1.59
CA GLU A 438 -5.97 -16.43 -2.50
C GLU A 438 -6.36 -17.72 -1.75
N ARG A 439 -7.21 -18.55 -2.36
CA ARG A 439 -7.60 -19.80 -1.77
C ARG A 439 -6.49 -20.80 -1.98
N LEU A 440 -6.18 -21.59 -0.95
CA LEU A 440 -5.26 -22.71 -1.09
C LEU A 440 -6.11 -23.94 -1.31
N ASP A 441 -6.64 -24.52 -0.23
CA ASP A 441 -7.66 -25.56 -0.36
C ASP A 441 -8.89 -25.35 0.53
N GLU A 442 -8.74 -25.70 1.80
CA GLU A 442 -9.78 -25.45 2.80
C GLU A 442 -9.47 -24.14 3.49
N GLU A 443 -8.19 -23.77 3.39
CA GLU A 443 -7.62 -22.58 4.01
C GLU A 443 -7.30 -21.46 3.03
N VAL A 444 -7.12 -20.27 3.57
CA VAL A 444 -6.95 -19.06 2.81
C VAL A 444 -5.56 -18.47 3.05
N MET A 445 -5.03 -17.85 1.99
CA MET A 445 -3.78 -17.13 2.02
C MET A 445 -4.02 -15.62 1.96
N LEU A 446 -3.64 -14.91 3.01
CA LEU A 446 -3.72 -13.46 3.03
C LEU A 446 -2.30 -12.87 2.87
N ARG A 447 -1.95 -12.50 1.64
CA ARG A 447 -0.64 -11.89 1.35
C ARG A 447 -0.65 -10.41 1.74
N VAL A 448 0.22 -10.01 2.65
CA VAL A 448 0.21 -8.61 3.14
C VAL A 448 1.49 -7.80 2.85
N VAL A 449 1.30 -6.51 2.53
CA VAL A 449 2.43 -5.55 2.49
C VAL A 449 3.07 -5.35 3.87
N ARG A 450 4.33 -4.91 3.88
CA ARG A 450 4.99 -4.41 5.11
C ARG A 450 4.37 -3.08 5.54
N ALA A 451 3.77 -3.06 6.72
CA ALA A 451 3.06 -1.87 7.25
C ALA A 451 4.02 -0.70 7.36
N GLY A 452 5.23 -1.01 7.82
CA GLY A 452 6.31 -0.05 7.78
C GLY A 452 6.31 0.87 6.57
N SER A 453 6.16 0.35 5.34
CA SER A 453 6.38 1.22 4.16
C SER A 453 5.20 1.48 3.22
N THR A 454 4.01 1.11 3.63
CA THR A 454 2.84 1.57 2.92
C THR A 454 2.45 2.97 3.40
N ARG A 455 1.75 3.71 2.56
CA ARG A 455 1.16 4.96 2.98
C ARG A 455 -0.34 4.84 2.97
N PHE A 456 -0.83 3.60 2.88
CA PHE A 456 -2.28 3.32 2.84
C PHE A 456 -2.80 2.42 3.97
N LYS A 457 -3.89 2.86 4.60
CA LYS A 457 -4.73 2.00 5.46
C LYS A 457 -5.44 0.95 4.63
N THR A 458 -5.44 -0.31 5.02
CA THR A 458 -6.25 -1.30 4.27
C THR A 458 -7.11 -2.11 5.19
N GLU A 459 -8.39 -2.23 4.91
CA GLU A 459 -9.33 -3.06 5.70
C GLU A 459 -9.93 -4.15 4.83
N MET A 460 -9.84 -5.39 5.28
CA MET A 460 -10.51 -6.51 4.61
C MET A 460 -11.20 -7.50 5.56
N GLU A 461 -12.53 -7.45 5.61
CA GLU A 461 -13.30 -8.36 6.48
C GLU A 461 -13.17 -9.79 5.97
N PHE A 462 -13.03 -10.75 6.88
CA PHE A 462 -12.97 -12.13 6.42
C PHE A 462 -13.97 -13.10 7.05
N LEU A 463 -14.11 -13.07 8.36
CA LEU A 463 -14.96 -14.01 9.01
C LEU A 463 -15.88 -13.32 9.98
N ASP A 464 -17.15 -13.73 9.95
CA ASP A 464 -18.21 -13.21 10.82
C ASP A 464 -18.58 -14.34 11.78
N VAL A 465 -18.14 -14.25 13.02
CA VAL A 465 -18.25 -15.36 13.95
C VAL A 465 -18.38 -14.88 15.39
N ALA A 466 -19.08 -15.64 16.24
CA ALA A 466 -19.17 -15.34 17.66
C ALA A 466 -19.57 -13.88 17.95
N GLY A 467 -20.57 -13.37 17.24
CA GLY A 467 -20.98 -11.95 17.37
C GLY A 467 -19.96 -10.88 16.97
N LYS A 468 -18.94 -11.27 16.18
CA LYS A 468 -17.86 -10.35 15.70
C LYS A 468 -17.50 -10.45 14.18
N LYS A 469 -17.22 -9.29 13.56
CA LYS A 469 -16.72 -9.27 12.19
C LYS A 469 -15.19 -9.17 12.17
N LEU A 470 -14.55 -10.30 11.94
CA LEU A 470 -13.12 -10.38 11.96
C LEU A 470 -12.58 -9.72 10.72
N THR A 471 -11.80 -8.64 10.94
CA THR A 471 -11.29 -7.83 9.86
C THR A 471 -9.79 -7.69 9.94
N LEU A 472 -9.10 -8.13 8.90
CA LEU A 472 -7.65 -7.92 8.79
C LEU A 472 -7.33 -6.47 8.43
N VAL A 473 -6.42 -5.85 9.17
CA VAL A 473 -6.17 -4.43 8.95
C VAL A 473 -4.69 -4.08 8.94
N VAL A 474 -4.25 -3.49 7.84
CA VAL A 474 -2.87 -2.93 7.73
C VAL A 474 -2.90 -1.43 7.95
N LEU A 475 -1.98 -0.91 8.78
CA LEU A 475 -1.83 0.56 8.99
C LEU A 475 -0.42 1.09 8.69
N PRO A 476 -0.34 2.14 7.83
CA PRO A 476 0.86 2.97 7.67
C PRO A 476 1.37 3.47 9.01
N PRO A 477 2.63 3.87 9.07
CA PRO A 477 3.05 4.50 10.32
C PRO A 477 2.16 5.68 10.73
N PHE A 478 1.91 5.79 12.03
CA PHE A 478 1.17 6.94 12.65
C PHE A 478 -0.22 7.16 12.08
N ALA A 479 -0.82 6.07 11.58
CA ALA A 479 -2.17 6.05 10.99
C ALA A 479 -3.27 5.92 12.05
N ARG A 480 -4.42 6.55 11.82
CA ARG A 480 -5.48 6.48 12.81
C ARG A 480 -6.59 5.51 12.39
N LEU A 481 -7.02 4.64 13.30
CA LEU A 481 -8.23 3.85 13.04
C LEU A 481 -9.33 4.33 13.95
N ASP A 482 -10.42 4.80 13.34
CA ASP A 482 -11.58 5.24 14.10
C ASP A 482 -12.42 4.02 14.51
N VAL A 483 -12.51 3.74 15.80
CA VAL A 483 -13.23 2.54 16.26
C VAL A 483 -14.48 2.94 17.02
N GLU A 484 -15.15 1.93 17.58
CA GLU A 484 -16.31 2.13 18.48
C GLU A 484 -15.96 2.02 19.99
N ARG A 485 -15.96 3.14 20.70
CA ARG A 485 -15.44 3.16 22.06
C ARG A 485 -16.00 2.00 22.89
N ASN A 486 -15.09 1.27 23.56
CA ASN A 486 -15.46 0.14 24.43
C ASN A 486 -16.07 -1.10 23.74
N VAL A 487 -16.41 -1.01 22.47
CA VAL A 487 -16.99 -2.17 21.77
C VAL A 487 -15.94 -2.81 20.88
N SER A 488 -15.32 -2.02 20.01
CA SER A 488 -14.29 -2.51 19.11
C SER A 488 -13.17 -3.20 19.88
N GLY A 489 -12.61 -4.26 19.29
CA GLY A 489 -11.37 -4.82 19.83
C GLY A 489 -10.25 -5.10 18.83
N VAL A 490 -9.01 -5.12 19.30
CA VAL A 490 -7.86 -5.36 18.42
C VAL A 490 -6.90 -6.42 18.94
N LYS A 491 -6.25 -7.12 18.01
CA LYS A 491 -5.10 -7.98 18.33
C LYS A 491 -3.94 -7.76 17.30
N VAL A 492 -2.91 -7.03 17.72
CA VAL A 492 -1.75 -6.74 16.89
C VAL A 492 -0.94 -7.99 16.49
N MET A 493 -0.67 -8.12 15.20
CA MET A 493 0.14 -9.26 14.70
C MET A 493 1.51 -8.75 14.32
N ALA A 494 1.61 -7.56 13.77
CA ALA A 494 2.91 -6.90 13.60
C ALA A 494 2.82 -5.45 14.04
N GLY A 495 3.98 -4.87 14.36
CA GLY A 495 4.03 -3.48 14.81
C GLY A 495 3.40 -3.21 16.16
N THR A 496 2.85 -2.01 16.30
CA THR A 496 2.16 -1.59 17.55
C THR A 496 1.03 -0.58 17.29
N VAL A 497 -0.05 -0.69 18.09
CA VAL A 497 -1.11 0.29 18.13
C VAL A 497 -1.19 0.84 19.53
N CYS A 498 -1.95 1.92 19.69
CA CYS A 498 -1.86 2.76 20.86
C CYS A 498 -3.19 3.52 20.99
N TRP A 499 -3.72 3.65 22.20
CA TRP A 499 -4.85 4.54 22.43
C TRP A 499 -4.76 5.17 23.78
N ALA A 500 -5.53 6.24 24.01
CA ALA A 500 -5.55 6.92 25.31
C ALA A 500 -6.95 7.27 25.84
N ASP A 501 -7.21 6.86 27.08
CA ASP A 501 -8.37 7.31 27.84
C ASP A 501 -7.90 8.04 29.09
N GLU A 502 -8.75 8.04 30.13
CA GLU A 502 -8.53 8.75 31.41
C GLU A 502 -7.29 8.31 32.21
N ASN A 503 -6.87 7.07 31.99
CA ASN A 503 -5.70 6.49 32.64
C ASN A 503 -4.47 6.57 31.75
N GLY A 504 -4.56 7.33 30.67
CA GLY A 504 -3.40 7.65 29.86
C GLY A 504 -3.26 6.74 28.66
N LYS A 505 -2.01 6.54 28.25
CA LYS A 505 -1.66 5.76 27.07
C LYS A 505 -1.75 4.25 27.31
N HIS A 506 -2.24 3.52 26.31
CA HIS A 506 -2.23 2.06 26.29
C HIS A 506 -1.71 1.61 24.97
N GLU A 507 -1.03 0.46 24.96
CA GLU A 507 -0.34 -0.03 23.77
C GLU A 507 -0.48 -1.56 23.61
N ARG A 508 -0.50 -2.03 22.36
CA ARG A 508 -0.69 -3.43 22.05
C ARG A 508 0.36 -3.87 21.04
N VAL A 509 0.97 -5.00 21.32
CA VAL A 509 2.07 -5.50 20.53
C VAL A 509 1.79 -6.98 20.19
N PRO A 510 2.60 -7.59 19.29
CA PRO A 510 2.25 -8.98 18.93
C PRO A 510 1.96 -9.91 20.11
N ALA A 511 2.77 -9.84 21.16
CA ALA A 511 2.49 -10.65 22.35
C ALA A 511 2.88 -9.93 23.63
N THR A 512 1.96 -9.93 24.61
CA THR A 512 2.16 -9.27 25.87
C THR A 512 3.11 -10.08 26.75
N ARG A 513 3.13 -9.76 28.05
CA ARG A 513 4.08 -10.36 28.98
C ARG A 513 3.84 -11.85 29.32
N PRO A 514 4.92 -12.65 29.31
CA PRO A 514 4.70 -14.06 29.59
C PRO A 514 3.69 -14.24 30.72
N PHE A 515 2.68 -15.07 30.47
CA PHE A 515 1.69 -15.47 31.46
C PHE A 515 0.79 -14.32 31.86
N GLY A 516 0.91 -13.19 31.18
CA GLY A 516 0.01 -12.10 31.40
C GLY A 516 -1.35 -12.25 30.76
N CYS A 517 -2.14 -11.19 30.89
CA CYS A 517 -3.45 -11.14 30.31
C CYS A 517 -3.74 -9.68 29.93
N GLU A 518 -4.14 -9.45 28.68
CA GLU A 518 -4.51 -8.11 28.25
C GLU A 518 -5.86 -8.05 27.56
N SER A 519 -6.68 -7.09 27.97
CA SER A 519 -7.96 -6.86 27.32
C SER A 519 -7.69 -6.36 25.91
N MET A 520 -8.47 -6.84 24.96
CA MET A 520 -8.40 -6.41 23.57
C MET A 520 -9.31 -5.22 23.25
N ILE A 521 -10.09 -4.77 24.22
CA ILE A 521 -11.06 -3.69 23.98
C ILE A 521 -10.49 -2.28 23.94
N VAL A 522 -10.52 -1.70 22.73
CA VAL A 522 -10.19 -0.30 22.58
C VAL A 522 -11.22 0.53 23.34
N SER A 523 -10.78 1.32 24.29
CA SER A 523 -11.72 2.13 25.08
C SER A 523 -11.86 3.58 24.61
N ALA A 524 -11.12 3.98 23.57
CA ALA A 524 -11.23 5.33 23.01
C ALA A 524 -12.09 5.29 21.74
N ASP A 525 -12.40 6.44 21.15
CA ASP A 525 -13.14 6.50 19.87
C ASP A 525 -12.25 6.16 18.68
N TYR A 526 -10.93 6.37 18.82
CA TYR A 526 -9.91 5.93 17.84
C TYR A 526 -8.65 5.39 18.50
N LEU A 527 -7.84 4.69 17.69
CA LEU A 527 -6.47 4.30 18.04
C LEU A 527 -5.47 4.79 16.96
N GLU A 528 -4.17 4.73 17.27
CA GLU A 528 -3.10 5.10 16.32
C GLU A 528 -1.96 4.10 16.29
N SER A 529 -1.42 3.90 15.08
CA SER A 529 -0.29 2.99 14.88
C SER A 529 1.07 3.61 15.25
N GLY A 530 2.03 2.73 15.54
CA GLY A 530 3.40 3.08 15.91
C GLY A 530 4.29 3.48 14.75
N GLU A 531 5.55 3.79 15.05
CA GLU A 531 6.50 4.22 14.04
C GLU A 531 6.62 3.21 12.88
N GLU A 532 6.26 1.96 13.19
CA GLU A 532 6.47 0.82 12.34
C GLU A 532 5.16 0.41 11.72
N GLY A 533 4.15 1.24 11.92
CA GLY A 533 2.78 0.92 11.52
C GLY A 533 2.25 -0.25 12.32
N ALA A 534 1.30 -1.01 11.74
CA ALA A 534 0.71 -2.15 12.41
C ALA A 534 -0.06 -3.03 11.46
N ILE A 535 -0.05 -4.33 11.76
CA ILE A 535 -0.95 -5.27 11.10
C ILE A 535 -1.77 -5.98 12.18
N LEU A 536 -3.09 -5.88 12.11
CA LEU A 536 -3.93 -6.33 13.21
C LEU A 536 -5.18 -7.02 12.75
N VAL A 537 -5.78 -7.78 13.66
CA VAL A 537 -7.16 -8.23 13.51
C VAL A 537 -8.06 -7.30 14.32
N LEU A 538 -8.90 -6.54 13.63
CA LEU A 538 -9.93 -5.76 14.30
C LEU A 538 -11.15 -6.65 14.43
N TYR A 539 -11.61 -6.80 15.67
CA TYR A 539 -12.90 -7.49 15.96
C TYR A 539 -14.05 -6.49 15.99
N LYS A 540 -14.73 -6.30 14.86
CA LYS A 540 -15.87 -5.39 14.81
C LYS A 540 -17.16 -5.97 15.42
N PRO A 541 -18.01 -5.10 15.99
CA PRO A 541 -19.28 -5.68 16.50
C PRO A 541 -20.11 -6.09 15.29
N SER A 542 -20.61 -7.32 15.31
CA SER A 542 -21.52 -7.89 14.28
C SER A 542 -22.86 -8.26 14.89
N SER A 543 -23.95 -8.14 14.14
CA SER A 543 -25.28 -8.59 14.56
C SER A 543 -25.74 -9.75 13.68
N THR A 544 -24.88 -10.14 12.73
CA THR A 544 -25.19 -11.23 11.84
C THR A 544 -24.57 -12.58 12.26
N SER A 545 -23.88 -12.61 13.39
CA SER A 545 -23.31 -13.89 13.82
C SER A 545 -23.65 -14.30 15.24
N GLY A 546 -24.85 -13.97 15.68
CA GLY A 546 -25.33 -14.42 16.97
C GLY A 546 -24.92 -13.51 18.12
N ARG A 547 -25.35 -13.89 19.33
CA ARG A 547 -25.17 -13.12 20.55
C ARG A 547 -24.88 -14.06 21.76
N PRO A 548 -23.79 -13.81 22.51
CA PRO A 548 -23.43 -14.71 23.62
C PRO A 548 -24.48 -14.61 24.72
N PRO A 549 -24.72 -15.71 25.47
CA PRO A 549 -23.89 -16.91 25.49
C PRO A 549 -24.23 -17.87 24.34
N PHE A 550 -23.27 -18.70 23.97
CA PHE A 550 -23.48 -19.62 22.88
C PHE A 550 -23.78 -20.99 23.39
N ARG A 551 -24.99 -21.45 23.14
CA ARG A 551 -25.50 -22.70 23.68
C ARG A 551 -25.31 -23.88 22.73
N SER A 552 -24.97 -23.60 21.48
CA SER A 552 -24.84 -24.63 20.44
C SER A 552 -23.92 -24.14 19.36
N MET A 553 -23.34 -25.08 18.62
CA MET A 553 -22.49 -24.73 17.48
C MET A 553 -23.31 -24.16 16.34
N ASP A 554 -24.55 -24.60 16.21
CA ASP A 554 -25.46 -24.07 15.20
C ASP A 554 -25.61 -22.58 15.42
N GLU A 555 -25.49 -22.15 16.67
CA GLU A 555 -25.53 -20.73 17.02
C GLU A 555 -24.29 -19.99 16.58
N LEU A 556 -23.18 -20.70 16.46
CA LEU A 556 -21.87 -20.15 16.10
C LEU A 556 -21.49 -20.42 14.67
N VAL A 557 -22.46 -20.64 13.80
CA VAL A 557 -22.12 -20.75 12.39
C VAL A 557 -21.36 -19.44 12.02
N ALA A 558 -20.24 -19.57 11.32
CA ALA A 558 -19.49 -18.40 10.84
C ALA A 558 -19.75 -18.15 9.35
N HIS A 559 -19.66 -16.91 8.89
CA HIS A 559 -19.93 -16.59 7.48
C HIS A 559 -18.79 -15.91 6.72
N ASN A 560 -18.59 -16.32 5.46
CA ASN A 560 -17.50 -15.83 4.58
C ASN A 560 -17.70 -14.38 4.19
N LEU A 561 -16.90 -13.47 4.76
CA LEU A 561 -17.09 -12.01 4.58
C LEU A 561 -16.23 -11.28 3.51
N PHE A 562 -15.34 -11.98 2.83
CA PHE A 562 -14.49 -11.27 1.89
C PHE A 562 -15.24 -10.36 0.87
N PRO A 563 -14.69 -9.16 0.62
CA PRO A 563 -15.20 -8.14 -0.31
C PRO A 563 -15.44 -8.61 -1.75
N ALA A 564 -16.52 -8.12 -2.35
CA ALA A 564 -16.84 -8.48 -3.72
C ALA A 564 -15.65 -8.52 -4.67
N TYR A 565 -14.59 -7.74 -4.39
CA TYR A 565 -13.43 -7.61 -5.32
C TYR A 565 -12.32 -8.66 -5.13
N VAL A 566 -12.55 -9.60 -4.21
CA VAL A 566 -11.65 -10.72 -3.98
C VAL A 566 -12.00 -11.83 -4.98
N PRO A 567 -11.03 -12.69 -5.36
CA PRO A 567 -11.41 -13.71 -6.32
C PRO A 567 -12.55 -14.59 -5.85
N ASP A 568 -13.23 -15.15 -6.85
CA ASP A 568 -14.44 -15.94 -6.66
C ASP A 568 -14.24 -17.21 -5.83
N SER A 569 -13.17 -17.93 -6.09
CA SER A 569 -12.94 -19.15 -5.34
C SER A 569 -12.89 -18.87 -3.83
N VAL A 570 -12.39 -17.70 -3.48
CA VAL A 570 -12.33 -17.27 -2.07
C VAL A 570 -13.73 -16.86 -1.57
N ARG A 571 -14.44 -16.08 -2.38
CA ARG A 571 -15.79 -15.72 -2.04
C ARG A 571 -16.74 -16.92 -1.85
N ALA A 572 -16.51 -18.00 -2.62
CA ALA A 572 -17.35 -19.20 -2.58
C ALA A 572 -17.07 -20.19 -1.43
N MET A 573 -16.07 -19.90 -0.62
CA MET A 573 -15.66 -20.78 0.46
C MET A 573 -16.56 -20.69 1.67
N LYS A 574 -16.91 -21.85 2.22
CA LYS A 574 -17.51 -21.92 3.57
C LYS A 574 -16.46 -22.27 4.65
N PHE A 575 -16.70 -21.82 5.88
CA PHE A 575 -15.86 -22.21 7.01
C PHE A 575 -16.68 -22.94 8.06
N PRO A 576 -16.86 -24.25 7.86
CA PRO A 576 -17.62 -24.99 8.84
C PRO A 576 -16.82 -25.19 10.14
N TRP A 577 -17.55 -25.48 11.22
CA TRP A 577 -16.97 -25.94 12.48
C TRP A 577 -17.02 -27.42 12.43
N VAL A 578 -15.84 -28.00 12.58
CA VAL A 578 -15.69 -29.43 12.55
C VAL A 578 -15.30 -29.82 13.94
N ARG A 579 -15.91 -30.87 14.45
CA ARG A 579 -15.59 -31.34 15.78
C ARG A 579 -14.22 -31.99 15.75
N CYS A 580 -13.32 -31.53 16.61
CA CYS A 580 -11.95 -32.05 16.61
C CYS A 580 -11.78 -33.57 16.44
N ALA A 581 -12.59 -34.36 17.15
CA ALA A 581 -12.59 -35.82 16.98
C ALA A 581 -12.62 -36.22 15.51
N ASP A 582 -13.42 -35.52 14.69
CA ASP A 582 -13.50 -35.83 13.25
C ASP A 582 -12.38 -35.23 12.41
N ARG A 583 -11.52 -34.39 12.95
CA ARG A 583 -10.49 -33.82 12.10
C ARG A 583 -9.51 -34.94 11.71
N PRO A 584 -8.93 -34.88 10.50
CA PRO A 584 -7.94 -35.85 10.01
C PRO A 584 -6.77 -36.11 10.94
N TRP A 585 -6.27 -35.06 11.60
CA TRP A 585 -5.18 -35.18 12.59
C TRP A 585 -5.58 -35.66 13.96
N ALA A 586 -6.80 -36.17 14.11
CA ALA A 586 -7.32 -36.50 15.42
C ALA A 586 -6.79 -37.81 15.95
N HIS A 587 -6.85 -38.86 15.14
CA HIS A 587 -6.35 -40.22 15.48
C HIS A 587 -6.92 -40.76 16.78
N GLY A 588 -8.21 -41.06 16.77
CA GLY A 588 -8.89 -41.65 17.93
C GLY A 588 -9.05 -40.73 19.11
N ARG A 589 -8.31 -39.61 19.12
CA ARG A 589 -8.34 -38.67 20.24
C ARG A 589 -9.59 -37.82 20.25
N PHE A 590 -9.79 -37.14 21.39
CA PHE A 590 -10.93 -36.24 21.70
C PHE A 590 -12.31 -36.75 21.37
N LYS A 591 -12.54 -38.04 21.55
CA LYS A 591 -13.87 -38.58 21.33
C LYS A 591 -14.84 -37.99 22.35
N ASP A 592 -16.10 -37.81 21.95
CA ASP A 592 -17.14 -37.33 22.86
C ASP A 592 -16.96 -35.94 23.52
N LEU A 593 -16.11 -35.09 22.94
CA LEU A 593 -15.86 -33.76 23.51
C LEU A 593 -16.50 -32.65 22.68
N ASP A 594 -17.38 -31.83 23.27
CA ASP A 594 -17.83 -30.62 22.57
C ASP A 594 -16.65 -29.67 22.34
N PHE A 595 -15.84 -30.03 21.35
CA PHE A 595 -14.55 -29.42 21.11
C PHE A 595 -14.29 -29.36 19.59
N PHE A 596 -14.28 -28.13 19.06
CA PHE A 596 -14.42 -27.90 17.63
C PHE A 596 -13.37 -26.90 17.20
N ASN A 597 -13.24 -26.75 15.90
CA ASN A 597 -12.10 -26.14 15.29
C ASN A 597 -12.47 -25.59 13.92
N LEU A 598 -12.07 -24.37 13.62
CA LEU A 598 -12.36 -23.82 12.31
C LEU A 598 -11.08 -23.31 11.66
N ILE A 599 -10.92 -23.68 10.41
CA ILE A 599 -9.74 -23.29 9.70
C ILE A 599 -10.14 -22.63 8.38
N GLY A 600 -9.25 -21.77 7.86
CA GLY A 600 -8.04 -21.26 8.54
C GLY A 600 -7.41 -20.16 7.69
N PHE A 601 -6.53 -19.35 8.29
CA PHE A 601 -6.13 -18.12 7.64
C PHE A 601 -4.69 -17.84 7.85
N HIS A 602 -3.91 -18.06 6.79
CA HIS A 602 -2.47 -17.77 6.75
C HIS A 602 -2.29 -16.34 6.47
N VAL A 603 -1.43 -15.65 7.24
CA VAL A 603 -1.05 -14.31 6.85
C VAL A 603 0.46 -14.28 6.59
N ASN A 604 0.84 -13.92 5.36
CA ASN A 604 2.23 -13.92 4.89
C ASN A 604 2.52 -12.63 4.16
N PHE A 605 3.75 -12.16 4.26
CA PHE A 605 4.15 -10.91 3.60
C PHE A 605 4.23 -11.10 2.09
N ALA A 606 3.71 -10.12 1.37
CA ALA A 606 3.57 -10.23 -0.09
C ALA A 606 4.87 -10.02 -0.83
N ASP A 607 5.88 -9.55 -0.10
CA ASP A 607 7.15 -9.21 -0.70
C ASP A 607 7.88 -10.49 -1.14
N ASP A 608 9.07 -10.30 -1.73
CA ASP A 608 9.96 -11.38 -2.16
C ASP A 608 10.44 -12.33 -1.05
N SER A 609 10.30 -11.97 0.22
CA SER A 609 10.61 -12.96 1.25
C SER A 609 9.51 -14.01 1.35
N ALA A 610 8.29 -13.62 0.98
CA ALA A 610 7.11 -14.48 1.16
C ALA A 610 6.97 -14.99 2.61
N ALA A 611 7.57 -14.27 3.57
CA ALA A 611 7.72 -14.75 4.94
C ALA A 611 6.40 -14.80 5.75
N VAL A 612 6.35 -15.67 6.73
CA VAL A 612 5.14 -15.81 7.54
C VAL A 612 4.99 -14.64 8.48
N LEU A 613 3.76 -14.20 8.66
CA LEU A 613 3.47 -13.24 9.71
C LEU A 613 2.85 -14.02 10.87
N ALA A 614 1.76 -14.73 10.56
CA ALA A 614 1.06 -15.61 11.51
C ALA A 614 0.19 -16.63 10.80
N HIS A 615 -0.03 -17.77 11.43
CA HIS A 615 -1.14 -18.65 11.05
C HIS A 615 -2.27 -18.57 12.07
N VAL A 616 -3.49 -18.36 11.57
CA VAL A 616 -4.64 -18.23 12.42
C VAL A 616 -5.69 -19.29 12.16
N GLN A 617 -6.24 -19.85 13.24
CA GLN A 617 -7.41 -20.75 13.21
C GLN A 617 -8.24 -20.63 14.46
N LEU A 618 -9.38 -21.31 14.50
CA LEU A 618 -10.30 -21.07 15.64
C LEU A 618 -10.73 -22.31 16.42
N TRP A 619 -11.19 -22.10 17.65
CA TRP A 619 -11.55 -23.22 18.51
C TRP A 619 -12.69 -22.88 19.43
N THR A 620 -13.47 -23.92 19.77
CA THR A 620 -14.51 -23.80 20.80
C THR A 620 -14.53 -24.92 21.84
N ALA A 621 -14.85 -24.58 23.08
CA ALA A 621 -15.03 -25.61 24.09
C ALA A 621 -16.29 -25.45 24.93
N GLY A 622 -17.06 -26.52 24.98
CA GLY A 622 -18.17 -26.64 25.92
C GLY A 622 -17.73 -26.74 27.38
N ILE A 623 -18.70 -26.61 28.28
CA ILE A 623 -18.40 -26.60 29.70
C ILE A 623 -17.78 -27.93 30.07
N GLY A 624 -16.84 -27.89 31.00
CA GLY A 624 -16.11 -29.08 31.44
C GLY A 624 -15.18 -29.74 30.42
N VAL A 625 -14.89 -29.05 29.33
CA VAL A 625 -14.09 -29.63 28.26
C VAL A 625 -12.64 -29.16 28.31
N SER A 626 -11.71 -30.09 28.17
CA SER A 626 -10.30 -29.78 28.01
C SER A 626 -9.83 -30.02 26.57
N ALA A 627 -9.32 -28.98 25.94
CA ALA A 627 -8.76 -29.11 24.60
C ALA A 627 -7.51 -29.99 24.56
N GLY A 628 -7.20 -30.66 25.68
CA GLY A 628 -6.07 -31.58 25.77
C GLY A 628 -4.71 -30.95 26.04
N PHE A 629 -3.89 -31.65 26.82
CA PHE A 629 -2.57 -31.16 27.14
C PHE A 629 -1.57 -31.60 26.07
N HIS A 630 -0.66 -30.68 25.74
CA HIS A 630 0.29 -30.84 24.66
C HIS A 630 1.43 -29.90 24.92
N ASN A 631 2.42 -29.90 24.02
CA ASN A 631 3.61 -29.09 24.21
C ASN A 631 4.22 -28.62 22.90
N HIS A 632 3.50 -28.84 21.80
CA HIS A 632 3.92 -28.41 20.47
C HIS A 632 5.27 -28.98 20.04
N VAL A 633 5.53 -30.26 20.30
CA VAL A 633 6.75 -30.91 19.83
C VAL A 633 6.68 -31.22 18.36
N GLU A 634 5.46 -31.24 17.82
CA GLU A 634 5.19 -31.58 16.41
C GLU A 634 5.59 -30.51 15.41
N ALA A 635 5.48 -29.23 15.78
CA ALA A 635 5.77 -28.12 14.86
C ALA A 635 6.04 -26.82 15.58
N SER A 636 6.91 -25.99 14.99
CA SER A 636 7.47 -24.81 15.66
C SER A 636 6.62 -23.55 15.53
N PHE A 637 6.11 -23.05 16.66
CA PHE A 637 5.49 -21.73 16.68
C PHE A 637 5.35 -21.08 18.04
N CYS A 638 5.38 -19.75 18.07
CA CYS A 638 5.05 -19.00 19.26
C CYS A 638 3.60 -18.65 19.19
N GLU A 639 2.84 -19.23 20.09
CA GLU A 639 1.40 -19.17 20.01
C GLU A 639 0.76 -18.18 21.00
N ILE A 640 -0.14 -17.32 20.53
CA ILE A 640 -0.94 -16.47 21.41
C ILE A 640 -2.43 -16.63 21.14
N HIS A 641 -3.20 -16.98 22.16
CA HIS A 641 -4.66 -17.04 22.04
C HIS A 641 -5.37 -15.80 22.48
N ALA A 642 -6.38 -15.41 21.70
CA ALA A 642 -7.30 -14.31 22.01
C ALA A 642 -8.67 -14.93 22.24
N CYS A 643 -9.22 -14.87 23.45
CA CYS A 643 -10.56 -15.44 23.66
C CYS A 643 -11.62 -14.46 23.21
N ILE A 644 -12.64 -14.93 22.48
CA ILE A 644 -13.75 -14.05 22.09
C ILE A 644 -14.91 -14.17 23.08
N ALA A 645 -15.36 -15.39 23.34
CA ALA A 645 -16.47 -15.66 24.23
C ALA A 645 -16.03 -16.66 25.28
N ASN A 646 -16.27 -16.34 26.55
CA ASN A 646 -15.94 -17.24 27.62
C ASN A 646 -17.21 -17.71 28.29
N GLY A 647 -17.61 -18.95 27.99
CA GLY A 647 -18.95 -19.42 28.25
C GLY A 647 -19.36 -19.40 29.70
N THR A 648 -18.38 -19.62 30.60
CA THR A 648 -18.60 -19.75 32.06
C THR A 648 -18.06 -18.56 32.82
N GLY A 649 -17.31 -17.72 32.10
CA GLY A 649 -16.51 -16.68 32.72
C GLY A 649 -15.23 -17.21 33.33
N ARG A 650 -15.04 -18.54 33.30
CA ARG A 650 -13.93 -19.18 34.01
C ARG A 650 -12.99 -20.01 33.14
N GLY A 651 -13.21 -20.01 31.83
CA GLY A 651 -12.37 -20.78 30.94
C GLY A 651 -11.04 -20.11 30.76
N GLY A 652 -9.99 -20.89 30.54
CA GLY A 652 -8.68 -20.32 30.22
C GLY A 652 -7.55 -21.30 29.90
N MET A 653 -6.32 -20.85 30.08
CA MET A 653 -5.16 -21.67 29.80
C MET A 653 -4.47 -22.21 31.07
N ARG A 654 -4.22 -23.51 31.07
CA ARG A 654 -3.47 -24.15 32.13
C ARG A 654 -2.11 -24.57 31.63
N TRP A 655 -1.10 -24.34 32.47
CA TRP A 655 0.21 -24.88 32.20
C TRP A 655 0.79 -25.61 33.41
N ALA A 656 1.55 -26.66 33.12
CA ALA A 656 2.18 -27.48 34.16
C ALA A 656 3.39 -26.77 34.76
N THR A 657 3.53 -26.88 36.10
CA THR A 657 4.56 -26.21 36.88
C THR A 657 5.64 -27.17 37.27
N VAL A 658 5.29 -28.45 37.30
CA VAL A 658 6.27 -29.54 37.45
C VAL A 658 7.06 -29.74 36.14
N PRO A 659 8.20 -30.48 36.18
CA PRO A 659 8.85 -30.66 34.87
C PRO A 659 8.08 -31.66 34.00
N ASP A 660 8.43 -31.71 32.71
CA ASP A 660 7.76 -32.54 31.68
C ASP A 660 7.65 -34.01 32.04
N ALA A 661 8.73 -34.55 32.61
CA ALA A 661 8.75 -35.92 33.06
C ALA A 661 7.68 -36.19 34.11
N ASN A 662 7.42 -35.19 34.94
CA ASN A 662 6.62 -35.33 36.15
C ASN A 662 5.12 -35.24 35.90
N PHE A 663 4.73 -35.05 34.64
CA PHE A 663 3.33 -34.78 34.30
C PHE A 663 2.78 -35.74 33.25
N ASN A 664 1.72 -36.44 33.64
CA ASN A 664 1.07 -37.36 32.75
C ASN A 664 -0.05 -36.61 32.03
N PRO A 665 0.17 -36.35 30.73
CA PRO A 665 -0.82 -35.61 29.95
C PRO A 665 -2.20 -36.28 29.88
N ASP A 666 -2.26 -37.59 30.06
CA ASP A 666 -3.52 -38.33 29.83
C ASP A 666 -4.46 -38.32 31.02
N SER A 667 -3.92 -38.56 32.20
CA SER A 667 -4.63 -38.39 33.47
C SER A 667 -3.95 -37.22 34.22
N PRO A 668 -4.22 -35.98 33.76
CA PRO A 668 -3.47 -34.84 34.23
C PRO A 668 -3.85 -34.41 35.65
N ASN A 669 -2.84 -34.31 36.51
CA ASN A 669 -3.06 -33.84 37.86
C ASN A 669 -3.07 -32.31 37.90
N LEU A 670 -4.28 -31.75 37.89
CA LEU A 670 -4.50 -30.31 37.79
C LEU A 670 -3.78 -29.49 38.83
N GLU A 671 -3.29 -30.14 39.87
CA GLU A 671 -2.62 -29.38 40.90
C GLU A 671 -1.12 -29.24 40.70
N ASP A 672 -0.63 -29.76 39.59
CA ASP A 672 0.72 -29.45 39.20
C ASP A 672 0.61 -28.44 38.08
N THR A 673 -0.51 -27.70 38.13
CA THR A 673 -0.96 -26.77 37.09
C THR A 673 -1.47 -25.45 37.67
N GLU A 674 -1.27 -24.38 36.92
CA GLU A 674 -1.72 -23.05 37.27
C GLU A 674 -2.62 -22.51 36.17
N LEU A 675 -3.63 -21.73 36.54
CA LEU A 675 -4.63 -21.26 35.57
C LEU A 675 -4.67 -19.76 35.39
N ILE A 676 -4.79 -19.33 34.14
CA ILE A 676 -4.98 -17.94 33.76
C ILE A 676 -6.31 -17.85 33.07
N VAL A 677 -7.27 -17.22 33.72
CA VAL A 677 -8.56 -16.98 33.08
C VAL A 677 -8.31 -16.02 31.95
N VAL A 678 -8.71 -16.40 30.74
CA VAL A 678 -8.70 -15.46 29.63
C VAL A 678 -10.14 -15.01 29.39
N PRO A 679 -10.56 -13.89 30.03
CA PRO A 679 -11.95 -13.49 29.91
C PRO A 679 -12.39 -13.12 28.49
N ASP A 680 -13.68 -12.83 28.33
CA ASP A 680 -14.21 -12.23 27.10
C ASP A 680 -13.26 -11.15 26.57
N MET A 681 -13.02 -11.17 25.25
CA MET A 681 -12.20 -10.15 24.58
C MET A 681 -10.83 -9.85 25.21
N HIS A 682 -10.15 -10.89 25.69
CA HIS A 682 -8.77 -10.78 26.19
C HIS A 682 -7.88 -11.71 25.41
N GLU A 683 -6.61 -11.34 25.38
CA GLU A 683 -5.51 -12.16 24.92
C GLU A 683 -4.56 -12.39 26.11
N HIS A 684 -3.86 -13.51 26.11
CA HIS A 684 -2.91 -13.78 27.19
C HIS A 684 -1.50 -13.67 26.69
N GLY A 685 -0.57 -13.64 27.65
CA GLY A 685 0.87 -13.57 27.35
C GLY A 685 1.45 -14.92 26.97
N PRO A 686 2.70 -14.93 26.49
CA PRO A 686 3.37 -16.16 26.10
C PRO A 686 3.34 -17.22 27.16
N LEU A 687 3.14 -18.47 26.77
CA LEU A 687 3.30 -19.59 27.68
C LEU A 687 4.60 -20.42 27.52
N TRP A 688 5.42 -20.14 26.50
CA TRP A 688 6.59 -21.02 26.24
C TRP A 688 7.75 -20.62 27.07
N ARG A 689 8.72 -21.52 27.18
CA ARG A 689 9.94 -21.30 27.97
C ARG A 689 10.86 -20.32 27.27
N THR A 690 11.47 -19.44 28.04
CA THR A 690 12.26 -18.38 27.48
C THR A 690 13.52 -18.17 28.30
N ARG A 691 14.64 -17.88 27.63
CA ARG A 691 15.87 -17.43 28.27
C ARG A 691 15.60 -16.13 29.01
N PRO A 692 16.50 -15.73 29.92
CA PRO A 692 16.16 -14.57 30.76
C PRO A 692 15.79 -13.27 30.04
N ASP A 693 16.44 -12.97 28.90
CA ASP A 693 16.12 -11.76 28.13
C ASP A 693 15.14 -12.04 27.00
N GLY A 694 14.54 -13.22 27.00
CA GLY A 694 13.35 -13.44 26.18
C GLY A 694 13.48 -14.13 24.83
N HIS A 695 14.64 -14.72 24.54
CA HIS A 695 14.71 -15.66 23.43
C HIS A 695 14.07 -16.94 23.92
N PRO A 696 13.36 -17.66 23.04
CA PRO A 696 12.70 -18.86 23.50
C PRO A 696 13.69 -20.01 23.67
N LEU A 697 13.38 -20.93 24.59
CA LEU A 697 14.13 -22.19 24.67
C LEU A 697 13.78 -23.03 23.47
N LEU A 698 14.74 -23.81 23.01
CA LEU A 698 14.58 -24.57 21.80
C LEU A 698 14.86 -26.00 22.09
N ARG A 699 13.97 -26.87 21.65
CA ARG A 699 14.25 -28.30 21.68
C ARG A 699 15.29 -28.77 20.64
N MET A 700 15.70 -30.01 20.83
CA MET A 700 16.62 -30.70 19.93
C MET A 700 16.17 -30.80 18.46
N ASN A 701 14.84 -30.74 18.22
CA ASN A 701 14.25 -30.80 16.86
C ASN A 701 13.78 -29.41 16.34
N ASP A 702 14.40 -28.36 16.90
CA ASP A 702 14.11 -26.99 16.57
C ASP A 702 12.63 -26.67 16.72
N THR A 703 12.11 -26.86 17.93
CA THR A 703 10.74 -26.45 18.25
C THR A 703 10.72 -25.56 19.49
N ILE A 704 9.91 -24.49 19.44
CA ILE A 704 9.79 -23.63 20.61
C ILE A 704 9.40 -24.50 21.76
N ASP A 705 10.20 -24.46 22.82
CA ASP A 705 10.01 -25.33 23.99
C ASP A 705 8.94 -24.83 24.93
N TYR A 706 7.91 -25.65 25.10
CA TYR A 706 6.75 -25.32 25.90
C TYR A 706 6.63 -26.34 27.03
N PRO A 707 6.12 -25.91 28.19
CA PRO A 707 5.72 -26.84 29.23
C PRO A 707 4.44 -27.48 28.76
N TRP A 708 3.96 -28.52 29.44
CA TRP A 708 2.65 -29.11 29.12
C TRP A 708 1.61 -28.07 29.32
N HIS A 709 0.75 -27.84 28.33
CA HIS A 709 -0.34 -26.91 28.54
C HIS A 709 -1.59 -27.22 27.75
N ALA A 710 -2.72 -26.60 28.14
CA ALA A 710 -4.04 -26.85 27.52
C ALA A 710 -5.05 -25.71 27.74
N TRP A 711 -6.02 -25.59 26.82
CA TRP A 711 -7.26 -24.83 27.17
C TRP A 711 -8.24 -25.67 27.98
N LEU A 712 -8.65 -25.16 29.13
CA LEU A 712 -9.74 -25.80 29.89
C LEU A 712 -10.88 -24.85 30.08
N ALA A 713 -12.06 -25.30 29.64
CA ALA A 713 -13.31 -24.64 29.87
C ALA A 713 -13.70 -24.79 31.33
N GLY A 714 -14.41 -23.78 31.85
CA GLY A 714 -14.99 -23.81 33.19
C GLY A 714 -15.62 -25.15 33.55
N ALA A 715 -15.48 -25.54 34.81
CA ALA A 715 -16.03 -26.80 35.30
C ALA A 715 -17.53 -26.67 35.56
N GLY A 716 -18.20 -27.80 35.77
CA GLY A 716 -19.61 -27.80 36.19
C GLY A 716 -20.58 -28.37 35.15
N ASN A 717 -21.83 -27.96 35.27
CA ASN A 717 -22.95 -28.50 34.47
C ASN A 717 -22.82 -28.21 32.96
N PRO A 718 -22.76 -29.28 32.11
CA PRO A 718 -22.69 -29.11 30.64
C PRO A 718 -23.98 -28.56 30.01
N SER A 719 -25.05 -28.49 30.80
CA SER A 719 -26.27 -27.82 30.37
C SER A 719 -26.94 -27.01 31.49
N PRO A 720 -27.39 -25.76 31.17
CA PRO A 720 -27.32 -25.18 29.82
C PRO A 720 -25.87 -25.11 29.27
N GLN A 721 -25.73 -25.24 27.97
CA GLN A 721 -24.41 -25.19 27.39
C GLN A 721 -23.93 -23.75 27.28
N ALA A 722 -22.62 -23.60 27.12
CA ALA A 722 -21.99 -22.30 27.05
C ALA A 722 -20.54 -22.47 26.58
N PHE A 723 -20.31 -22.05 25.34
CA PHE A 723 -19.08 -22.36 24.66
C PHE A 723 -18.05 -21.27 24.80
N ASP A 724 -16.82 -21.69 25.02
CA ASP A 724 -15.67 -20.81 24.92
C ASP A 724 -15.40 -20.71 23.45
N VAL A 725 -15.04 -19.52 22.96
CA VAL A 725 -14.59 -19.36 21.58
C VAL A 725 -13.28 -18.57 21.54
N TRP A 726 -12.21 -19.17 20.99
CA TRP A 726 -10.91 -18.47 20.93
C TRP A 726 -10.17 -18.62 19.67
N VAL A 727 -9.35 -17.63 19.39
CA VAL A 727 -8.61 -17.56 18.14
C VAL A 727 -7.16 -17.83 18.47
N ALA A 728 -6.59 -18.85 17.82
CA ALA A 728 -5.16 -19.19 17.92
C ALA A 728 -4.29 -18.31 16.98
N PHE A 729 -3.19 -17.77 17.49
CA PHE A 729 -2.26 -16.96 16.65
C PHE A 729 -0.87 -17.62 16.67
N GLU A 730 -0.53 -18.31 15.58
CA GLU A 730 0.73 -19.07 15.52
C GLU A 730 1.86 -18.32 14.85
N PHE A 731 2.64 -17.62 15.67
CA PHE A 731 3.79 -16.82 15.23
C PHE A 731 5.06 -17.66 15.08
N PRO A 732 5.91 -17.30 14.12
CA PRO A 732 7.30 -17.80 14.13
C PRO A 732 8.07 -17.22 15.29
N GLY A 733 9.16 -17.87 15.67
CA GLY A 733 9.99 -17.44 16.79
C GLY A 733 10.30 -15.95 16.78
N PHE A 734 10.26 -15.33 17.96
CA PHE A 734 10.73 -13.96 18.16
C PHE A 734 11.21 -13.84 19.60
N GLU A 735 11.82 -12.71 19.93
CA GLU A 735 12.23 -12.46 21.31
C GLU A 735 11.13 -11.74 22.10
N THR A 736 10.64 -12.34 23.19
CA THR A 736 9.61 -11.64 23.99
C THR A 736 10.20 -10.79 25.16
N PHE A 737 9.41 -10.48 26.19
CA PHE A 737 9.89 -9.75 27.38
C PHE A 737 10.86 -10.52 28.32
N SER A 738 11.40 -9.84 29.32
CA SER A 738 12.49 -10.43 30.10
C SER A 738 12.01 -10.97 31.43
N THR A 739 12.71 -12.00 31.94
CA THR A 739 12.39 -12.61 33.23
C THR A 739 13.58 -12.43 34.17
N PRO A 740 13.42 -11.57 35.19
CA PRO A 740 12.19 -10.85 35.48
C PRO A 740 12.17 -9.49 34.78
N PRO A 741 11.02 -8.78 34.82
CA PRO A 741 10.98 -7.51 34.09
C PRO A 741 11.90 -6.46 34.73
N PRO A 742 12.88 -5.93 33.95
CA PRO A 742 13.74 -4.82 34.38
C PRO A 742 12.91 -3.57 34.70
N PRO A 743 13.47 -2.65 35.51
CA PRO A 743 12.80 -1.36 35.68
C PRO A 743 13.04 -0.49 34.45
N ARG A 744 12.16 0.49 34.22
CA ARG A 744 12.33 1.44 33.10
C ARG A 744 13.17 2.64 33.57
N VAL A 745 14.41 2.68 33.04
CA VAL A 745 15.43 3.63 33.45
C VAL A 745 15.87 4.52 32.30
N LEU A 746 15.22 4.36 31.13
CA LEU A 746 15.59 5.11 29.94
C LEU A 746 14.47 5.39 28.95
N GLU A 747 14.28 6.67 28.63
CA GLU A 747 13.40 7.07 27.55
C GLU A 747 14.18 6.90 26.24
N PRO A 748 13.50 6.46 25.16
CA PRO A 748 14.19 6.50 23.89
C PRO A 748 14.37 7.94 23.45
N GLY A 749 15.28 8.16 22.52
CA GLY A 749 15.58 9.48 22.01
C GLY A 749 16.98 9.52 21.43
N ARG A 750 17.33 10.67 20.88
CA ARG A 750 18.66 10.88 20.31
C ARG A 750 19.61 11.37 21.41
N TYR A 751 20.76 10.69 21.51
CA TYR A 751 21.72 10.98 22.56
C TYR A 751 23.14 10.90 22.03
N ALA A 752 24.04 11.57 22.75
CA ALA A 752 25.47 11.27 22.71
C ALA A 752 25.76 10.29 23.87
N ILE A 753 26.58 9.28 23.56
CA ILE A 753 26.90 8.22 24.50
C ILE A 753 28.37 8.34 24.94
N ARG A 754 28.59 8.79 26.17
CA ARG A 754 29.89 9.29 26.67
C ARG A 754 30.48 8.55 27.88
N PHE A 755 31.82 8.57 27.97
CA PHE A 755 32.53 7.86 29.03
C PHE A 755 33.53 8.75 29.78
N GLY A 756 33.59 8.59 31.10
CA GLY A 756 34.61 9.25 31.90
C GLY A 756 34.14 9.95 33.16
N ASP A 757 34.54 11.22 33.30
CA ASP A 757 34.32 12.04 34.52
C ASP A 757 34.41 13.55 34.25
N PRO A 758 34.14 14.39 35.28
CA PRO A 758 34.18 15.85 35.12
C PRO A 758 35.02 16.38 33.94
N HIS A 759 36.33 16.10 33.91
CA HIS A 759 37.21 16.57 32.83
C HIS A 759 37.45 15.57 31.72
N GLN A 760 38.28 14.56 31.96
CA GLN A 760 38.66 13.58 30.92
C GLN A 760 37.50 12.68 30.40
N THR A 761 36.86 13.10 29.31
CA THR A 761 35.75 12.32 28.72
C THR A 761 35.92 11.98 27.21
N ALA A 762 35.29 10.89 26.79
CA ALA A 762 35.25 10.47 25.39
C ALA A 762 33.85 9.94 24.99
N SER A 763 33.53 9.93 23.70
CA SER A 763 32.21 9.47 23.22
C SER A 763 32.21 8.29 22.24
N LEU A 764 31.09 7.56 22.24
CA LEU A 764 30.90 6.42 21.38
C LEU A 764 30.78 6.94 20.00
N ALA A 765 31.41 6.25 19.04
CA ALA A 765 31.51 6.74 17.66
C ALA A 765 31.68 5.63 16.62
N LEU A 766 31.13 5.87 15.43
CA LEU A 766 31.23 4.96 14.31
C LEU A 766 32.40 5.42 13.46
N GLN A 767 33.41 4.57 13.31
CA GLN A 767 34.68 4.97 12.67
C GLN A 767 34.54 5.67 11.30
N LYS A 768 34.83 6.99 11.29
CA LYS A 768 34.72 7.84 10.10
C LYS A 768 33.30 7.92 9.55
N ASN A 769 32.32 7.84 10.44
CA ASN A 769 30.90 7.87 10.10
C ASN A 769 30.49 6.98 8.91
N ASP A 770 31.10 5.80 8.82
CA ASP A 770 31.03 4.98 7.64
C ASP A 770 29.91 3.92 7.64
N ALA A 771 29.05 3.95 6.62
CA ALA A 771 27.82 3.13 6.56
C ALA A 771 28.01 1.62 6.39
N THR A 772 29.09 1.20 5.71
CA THR A 772 29.46 -0.23 5.58
C THR A 772 29.32 -1.05 6.85
N ASP A 773 28.65 -2.21 6.72
CA ASP A 773 28.69 -3.32 7.70
C ASP A 773 30.11 -3.63 8.20
N GLY A 774 30.24 -3.78 9.51
CA GLY A 774 31.52 -4.14 10.11
C GLY A 774 32.49 -2.98 10.30
N THR A 775 32.01 -1.75 10.16
CA THR A 775 32.80 -0.56 10.52
C THR A 775 33.03 -0.58 12.03
N PRO A 776 34.27 -0.33 12.49
CA PRO A 776 34.43 -0.34 13.94
C PRO A 776 33.67 0.79 14.65
N VAL A 777 33.32 0.50 15.89
CA VAL A 777 32.76 1.44 16.84
C VAL A 777 33.87 1.78 17.86
N LEU A 778 34.03 3.08 18.18
CA LEU A 778 35.12 3.50 19.06
C LEU A 778 34.72 4.55 20.13
N ALA A 779 35.61 4.74 21.11
CA ALA A 779 35.55 5.90 21.99
C ALA A 779 36.56 6.84 21.40
N LEU A 780 36.07 7.97 20.90
CA LEU A 780 36.91 9.05 20.37
C LEU A 780 37.17 10.07 21.47
N LEU A 781 38.44 10.33 21.79
CA LEU A 781 38.78 11.33 22.79
C LEU A 781 38.10 12.63 22.39
N ASP A 782 37.45 13.28 23.36
CA ASP A 782 36.93 14.60 23.11
C ASP A 782 38.07 15.61 23.15
N LEU A 783 38.85 15.66 22.07
CA LEU A 783 39.83 16.73 21.86
C LEU A 783 39.05 18.04 21.85
N ASP A 784 39.35 18.92 22.81
CA ASP A 784 38.65 20.21 22.88
C ASP A 784 38.97 21.11 21.66
N GLY A 785 39.76 20.58 20.73
CA GLY A 785 39.96 21.17 19.41
C GLY A 785 38.67 21.22 18.59
N GLY A 786 37.87 20.15 18.65
CA GLY A 786 36.51 20.16 18.08
C GLY A 786 36.05 19.05 17.14
N PRO A 787 36.62 17.83 17.26
CA PRO A 787 36.02 16.69 16.56
C PRO A 787 34.48 16.50 16.70
N SER A 788 33.86 17.05 17.76
CA SER A 788 32.38 17.03 18.00
C SER A 788 31.78 15.64 18.21
N PRO A 789 31.10 15.41 19.35
CA PRO A 789 30.62 14.05 19.68
C PRO A 789 29.51 13.53 18.79
N GLN A 790 29.72 12.38 18.15
CA GLN A 790 28.68 11.70 17.33
C GLN A 790 27.35 11.39 18.05
N ALA A 791 26.27 11.35 17.27
CA ALA A 791 24.89 11.17 17.74
C ALA A 791 24.35 9.75 17.49
N TRP A 792 23.55 9.26 18.46
CA TRP A 792 23.02 7.89 18.45
C TRP A 792 21.58 7.89 18.74
N ASN A 793 20.80 7.18 17.92
CA ASN A 793 19.38 6.98 18.18
C ASN A 793 19.18 5.73 18.96
N ILE A 794 18.58 5.86 20.14
CA ILE A 794 18.26 4.72 21.03
C ILE A 794 16.76 4.58 21.12
N SER A 795 16.29 3.34 20.99
CA SER A 795 14.87 3.06 20.89
C SER A 795 14.61 1.71 21.50
N HIS A 796 13.40 1.57 22.05
CA HIS A 796 12.94 0.36 22.73
C HIS A 796 12.55 -0.59 21.66
N VAL A 797 12.80 -1.89 21.84
CA VAL A 797 12.21 -2.90 20.92
C VAL A 797 10.81 -3.42 21.40
N PRO A 798 9.77 -3.21 20.58
CA PRO A 798 8.43 -3.55 21.03
C PRO A 798 8.30 -5.00 21.48
N GLY A 799 7.52 -5.24 22.54
CA GLY A 799 7.38 -6.59 23.07
C GLY A 799 8.66 -7.18 23.66
N THR A 800 9.67 -6.36 23.89
CA THR A 800 10.80 -6.80 24.67
C THR A 800 11.03 -5.81 25.77
N ASP A 801 12.07 -6.09 26.53
CA ASP A 801 12.61 -5.13 27.47
C ASP A 801 14.02 -4.74 27.02
N MET A 802 14.26 -4.75 25.72
CA MET A 802 15.61 -4.50 25.22
C MET A 802 15.60 -3.23 24.39
N TYR A 803 16.80 -2.72 24.09
CA TYR A 803 16.95 -1.56 23.24
C TYR A 803 18.01 -1.80 22.17
N GLU A 804 17.99 -0.94 21.16
CA GLU A 804 19.04 -0.93 20.18
C GLU A 804 19.58 0.46 20.05
N ILE A 805 20.83 0.53 19.61
CA ILE A 805 21.52 1.79 19.35
C ILE A 805 21.89 1.84 17.89
N ALA A 806 21.39 2.86 17.21
CA ALA A 806 21.57 3.00 15.79
C ALA A 806 22.12 4.37 15.55
N HIS A 807 23.12 4.41 14.69
CA HIS A 807 23.76 5.64 14.30
C HIS A 807 22.74 6.59 13.78
N ALA A 808 22.69 7.75 14.41
CA ALA A 808 21.86 8.87 13.96
C ALA A 808 22.03 9.14 12.47
N LYS A 809 23.28 9.11 12.00
CA LYS A 809 23.60 9.45 10.60
C LYS A 809 23.47 8.27 9.61
N THR A 810 24.15 7.15 9.84
CA THR A 810 24.07 6.10 8.82
C THR A 810 22.88 5.15 8.97
N GLY A 811 22.44 4.92 10.21
CA GLY A 811 21.44 3.91 10.51
C GLY A 811 22.08 2.68 11.12
N SER A 812 23.41 2.60 11.03
CA SER A 812 24.16 1.43 11.49
C SER A 812 23.85 1.04 12.94
N LEU A 813 23.54 -0.25 13.17
CA LEU A 813 23.23 -0.77 14.52
C LEU A 813 24.48 -1.10 15.33
N VAL A 814 24.55 -0.66 16.58
CA VAL A 814 25.68 -1.04 17.43
C VAL A 814 25.51 -2.50 17.76
N CYS A 815 26.54 -3.29 17.41
CA CYS A 815 26.40 -4.72 17.36
C CYS A 815 27.73 -5.42 17.55
N ALA A 816 27.78 -6.40 18.44
CA ALA A 816 29.02 -7.13 18.68
C ALA A 816 29.25 -8.07 17.53
N ARG A 817 30.50 -8.13 17.09
CA ARG A 817 30.91 -9.02 16.02
C ARG A 817 30.71 -10.45 16.44
N TRP A 818 30.68 -11.39 15.48
CA TRP A 818 30.42 -12.79 15.83
C TRP A 818 31.70 -13.49 16.22
N PRO A 819 31.72 -14.23 17.35
CA PRO A 819 30.67 -14.47 18.34
C PRO A 819 30.78 -13.56 19.57
N PRO A 820 29.67 -13.32 20.28
CA PRO A 820 29.71 -12.48 21.46
C PRO A 820 30.43 -13.17 22.63
N VAL A 821 31.74 -12.93 22.78
CA VAL A 821 32.49 -13.49 23.92
C VAL A 821 33.21 -12.40 24.71
N LYS A 822 33.82 -12.80 25.84
CA LYS A 822 34.75 -11.92 26.57
C LYS A 822 35.69 -11.27 25.52
N ASN A 823 35.68 -9.92 25.53
CA ASN A 823 36.58 -9.05 24.72
C ASN A 823 36.28 -8.88 23.20
N GLN A 824 35.08 -9.29 22.75
CA GLN A 824 34.75 -9.13 21.33
C GLN A 824 34.75 -7.67 20.90
N ARG A 825 35.12 -7.44 19.63
CA ARG A 825 35.14 -6.11 19.03
C ARG A 825 33.72 -5.72 18.70
N VAL A 826 33.43 -4.42 18.70
CA VAL A 826 32.08 -3.96 18.40
C VAL A 826 32.08 -3.21 17.08
N ALA A 827 31.03 -3.42 16.29
CA ALA A 827 30.89 -2.75 14.99
C ALA A 827 29.46 -2.22 14.68
N GLY A 828 29.35 -1.43 13.61
CA GLY A 828 28.07 -0.94 13.10
C GLY A 828 27.60 -1.81 11.94
N THR A 829 26.31 -2.13 11.91
CA THR A 829 25.78 -3.05 10.89
C THR A 829 24.33 -2.74 10.55
N HIS A 830 23.96 -3.04 9.30
CA HIS A 830 22.58 -3.09 8.85
C HIS A 830 22.19 -4.54 8.58
N SER A 831 23.13 -5.47 8.83
CA SER A 831 22.90 -6.92 8.71
C SER A 831 22.96 -7.62 10.07
N PRO A 832 22.03 -7.23 10.97
CA PRO A 832 21.97 -7.79 12.31
C PRO A 832 21.61 -9.26 12.26
N ALA A 833 21.85 -9.97 13.37
CA ALA A 833 21.52 -11.39 13.44
C ALA A 833 20.03 -11.51 13.75
N ALA A 834 19.48 -12.71 13.55
CA ALA A 834 18.09 -12.92 13.88
C ALA A 834 17.78 -12.49 15.36
N MET A 835 16.54 -12.07 15.58
CA MET A 835 16.07 -11.66 16.90
C MET A 835 17.03 -10.72 17.64
N GLY A 836 17.77 -9.91 16.89
CA GLY A 836 18.65 -8.87 17.45
C GLY A 836 19.71 -9.38 18.41
N LEU A 837 20.17 -10.61 18.19
CA LEU A 837 20.95 -11.33 19.21
C LEU A 837 22.18 -10.61 19.70
N THR A 838 22.71 -9.71 18.88
CA THR A 838 23.98 -9.08 19.19
C THR A 838 23.84 -7.58 19.06
N SER A 839 22.62 -7.12 18.86
CA SER A 839 22.38 -5.69 18.65
C SER A 839 21.19 -5.18 19.45
N ARG A 840 20.90 -5.85 20.55
CA ARG A 840 19.86 -5.43 21.46
C ARG A 840 20.39 -5.48 22.86
N TRP A 841 19.99 -4.53 23.71
CA TRP A 841 20.66 -4.38 24.99
C TRP A 841 19.74 -4.24 26.15
N ALA A 842 20.12 -4.87 27.26
CA ALA A 842 19.42 -4.71 28.51
C ALA A 842 20.13 -3.59 29.20
N VAL A 843 19.33 -2.70 29.75
CA VAL A 843 19.83 -1.49 30.33
C VAL A 843 19.75 -1.56 31.85
N THR A 844 20.82 -1.13 32.53
CA THR A 844 20.75 -0.68 33.93
C THR A 844 21.14 0.80 34.11
N LYS A 845 20.79 1.36 35.26
CA LYS A 845 21.20 2.72 35.62
C LYS A 845 21.65 2.78 37.07
N ASN A 846 22.91 3.12 37.30
CA ASN A 846 23.40 3.26 38.67
C ASN A 846 22.87 4.51 39.38
N THR A 847 23.13 4.55 40.68
CA THR A 847 22.68 5.64 41.53
C THR A 847 23.30 6.98 41.13
N LYS A 848 24.40 6.93 40.36
CA LYS A 848 24.94 8.14 39.71
C LYS A 848 24.03 8.61 38.59
N GLY A 849 23.65 7.69 37.71
CA GLY A 849 22.79 8.01 36.57
C GLY A 849 23.33 7.34 35.33
N GLN A 850 24.51 6.73 35.45
CA GLN A 850 25.16 6.04 34.32
C GLN A 850 24.35 4.85 33.83
N ILE A 851 24.45 4.58 32.54
CA ILE A 851 23.69 3.53 31.90
C ILE A 851 24.61 2.41 31.44
N THR A 852 24.10 1.19 31.52
CA THR A 852 24.84 0.06 31.06
C THR A 852 24.07 -0.71 30.01
N PHE A 853 24.79 -1.24 29.02
CA PHE A 853 24.16 -1.97 27.95
C PHE A 853 24.68 -3.39 27.99
N ARG A 854 23.76 -4.35 28.11
CA ARG A 854 24.10 -5.78 28.14
C ARG A 854 23.40 -6.51 27.00
N LEU A 855 24.12 -7.47 26.40
CA LEU A 855 23.58 -8.39 25.38
C LEU A 855 22.64 -9.41 26.02
N PRO A 856 21.77 -10.07 25.19
CA PRO A 856 21.06 -11.24 25.69
C PRO A 856 22.10 -12.17 26.28
N GLU A 857 22.01 -12.45 27.57
CA GLU A 857 23.04 -13.27 28.19
C GLU A 857 22.97 -14.67 27.61
N ALA A 858 24.12 -15.16 27.11
CA ALA A 858 24.29 -16.56 26.73
C ALA A 858 24.57 -17.34 28.01
N PRO A 859 24.39 -18.67 28.00
CA PRO A 859 24.44 -19.34 29.30
C PRO A 859 25.86 -19.65 29.80
N ASP A 860 26.88 -19.38 28.99
CA ASP A 860 28.26 -19.77 29.31
C ASP A 860 29.09 -18.54 29.70
N HIS A 861 29.42 -17.75 28.69
CA HIS A 861 29.92 -16.39 28.88
C HIS A 861 28.98 -15.65 29.80
N GLY A 862 29.51 -14.79 30.67
CA GLY A 862 28.68 -14.10 31.65
C GLY A 862 27.94 -12.92 31.04
N PRO A 863 27.44 -12.02 31.89
CA PRO A 863 26.98 -10.76 31.35
C PRO A 863 28.12 -10.07 30.61
N LEU A 864 27.92 -9.68 29.36
CA LEU A 864 28.90 -8.91 28.59
C LEU A 864 28.34 -7.50 28.32
N PHE A 865 29.03 -6.47 28.79
CA PHE A 865 28.56 -5.10 28.60
C PHE A 865 29.30 -4.38 27.50
N LEU A 866 28.62 -3.41 26.90
CA LEU A 866 29.27 -2.49 25.99
C LEU A 866 30.22 -1.71 26.89
N SER A 867 31.48 -1.64 26.46
CA SER A 867 32.54 -1.15 27.29
C SER A 867 33.63 -0.51 26.45
N VAL A 868 34.43 0.36 27.07
CA VAL A 868 35.67 0.82 26.48
C VAL A 868 36.73 -0.21 26.84
N SER A 869 37.97 0.02 26.45
CA SER A 869 39.04 -0.91 26.84
C SER A 869 40.27 -0.30 27.49
N ALA A 870 40.25 0.99 27.81
CA ALA A 870 41.36 1.62 28.54
C ALA A 870 40.94 2.81 29.43
N ILE A 871 41.90 3.42 30.13
CA ILE A 871 41.60 4.57 31.00
C ILE A 871 42.67 5.67 30.87
N ASP A 878 44.09 9.85 18.95
CA ASP A 878 43.93 8.47 19.35
C ASP A 878 42.51 8.08 19.81
N ALA A 879 42.13 6.86 19.47
CA ALA A 879 40.82 6.33 19.79
C ALA A 879 40.95 5.01 20.54
N ILE A 880 40.20 4.89 21.63
CA ILE A 880 40.10 3.67 22.41
C ILE A 880 39.05 2.82 21.68
N PRO A 881 39.37 1.55 21.37
CA PRO A 881 38.37 0.68 20.70
C PRO A 881 37.30 0.23 21.67
N VAL A 882 36.19 -0.28 21.13
CA VAL A 882 35.04 -0.64 21.95
C VAL A 882 34.83 -2.14 21.88
N ILE A 883 34.47 -2.68 23.04
CA ILE A 883 34.31 -4.10 23.22
C ILE A 883 33.13 -4.37 24.13
N VAL A 884 32.75 -5.64 24.17
CA VAL A 884 31.88 -6.12 25.19
C VAL A 884 32.75 -6.96 26.13
N GLN A 885 32.62 -6.71 27.43
CA GLN A 885 33.30 -7.50 28.47
C GLN A 885 32.42 -7.65 29.70
N GLY A 886 32.78 -8.59 30.57
CA GLY A 886 32.01 -8.89 31.77
C GLY A 886 32.74 -8.53 33.03
N ASP A 887 34.07 -8.57 32.95
CA ASP A 887 34.95 -8.40 34.11
C ASP A 887 34.82 -7.07 34.91
N SER A 888 34.74 -5.93 34.22
CA SER A 888 34.89 -4.62 34.91
C SER A 888 33.68 -3.73 34.84
N ILE A 889 33.14 -3.40 36.01
CA ILE A 889 31.95 -2.56 36.12
C ILE A 889 32.25 -1.14 35.69
N GLU A 890 33.51 -0.77 35.85
CA GLU A 890 33.98 0.56 35.58
C GLU A 890 33.99 0.90 34.09
N LEU A 891 34.48 -0.02 33.25
CA LEU A 891 34.64 0.23 31.81
C LEU A 891 33.33 0.32 31.03
N SER A 892 32.21 0.12 31.70
CA SER A 892 30.96 -0.10 31.02
C SER A 892 29.90 0.92 31.42
N ALA A 893 30.24 1.81 32.33
CA ALA A 893 29.35 2.90 32.69
C ALA A 893 29.35 3.98 31.60
N TRP A 894 28.17 4.50 31.25
CA TRP A 894 28.05 5.49 30.17
C TRP A 894 27.19 6.64 30.58
N SER A 895 27.56 7.84 30.17
CA SER A 895 26.71 8.98 30.43
C SER A 895 25.97 9.41 29.15
N LEU A 896 24.65 9.58 29.25
CA LEU A 896 23.83 9.94 28.08
C LEU A 896 23.43 11.40 28.06
N VAL A 897 24.06 12.16 27.19
CA VAL A 897 23.68 13.53 26.99
C VAL A 897 22.68 13.56 25.85
N PRO A 898 21.58 14.32 25.98
CA PRO A 898 20.73 14.49 24.80
C PRO A 898 21.44 15.28 23.69
N ALA A 899 21.41 14.73 22.48
CA ALA A 899 21.94 15.40 21.29
C ALA A 899 20.79 15.84 20.37
N ASN A 900 21.08 15.95 19.07
CA ASN A 900 20.09 16.49 18.12
C ASN A 900 20.40 16.10 16.65
#